data_8H75
#
_entry.id   8H75
#
_cell.length_a   43.022
_cell.length_b   198.595
_cell.length_c   67.203
_cell.angle_alpha   90.000
_cell.angle_beta   92.940
_cell.angle_gamma   90.000
#
_symmetry.space_group_name_H-M   'P 1 21 1'
#
loop_
_entity.id
_entity.type
_entity.pdbx_description
1 polymer 'Fibroblast growth factor receptor 2'
2 non-polymer Tinengotinib
3 non-polymer 'CHLORIDE ION'
4 water water
#
_entity_poly.entity_id   1
_entity_poly.type   'polypeptide(L)'
_entity_poly.pdbx_seq_one_letter_code
;GHMLAGVSEYELPEDPKWEFPRDKLTLGKPLGEGCFGQVVMAEAVGIDKDKPKEAVTVAVKMLKDDATEKDLSDLVSEME
MMKMIGKHKNIINLLGACTQDGPLYVIVEYASKGNLREYLRARRPPGMEYSYDINRVPEEQMTFKDLVSCTYQLARGMEY
LASQKCIHRDLAARNVLVTENNVMKIADFGLARDINNID(PTR)YKKTTNGRLPVKWMAPEALFDRVYTHQSDVWSFGVL
MWEIFTLGGSPYPGIPVEELFKLLKEGHRMDKPANCTNELYMMMRDCWHAVPSQRPTFKQLVEDLDRILTLTTNEE
;
_entity_poly.pdbx_strand_id   A,B,C,D
#
# COMPACT_ATOMS: atom_id res chain seq x y z
N GLU A 11 -0.39 37.65 15.11
CA GLU A 11 0.29 38.88 14.73
C GLU A 11 1.56 38.58 13.93
N LEU A 12 1.44 38.61 12.61
CA LEU A 12 2.57 38.36 11.73
C LEU A 12 3.52 39.55 11.61
N PRO A 13 4.81 39.27 11.38
CA PRO A 13 5.83 40.29 11.22
C PRO A 13 5.62 40.90 9.87
N GLU A 14 5.76 42.21 9.79
CA GLU A 14 5.52 42.89 8.53
C GLU A 14 6.60 42.68 7.49
N ASP A 15 6.16 42.56 6.25
CA ASP A 15 7.09 42.44 5.14
C ASP A 15 6.79 43.75 4.44
N PRO A 16 7.79 44.63 4.36
CA PRO A 16 7.70 45.97 3.78
C PRO A 16 7.39 46.02 2.29
N LYS A 17 7.98 45.14 1.52
CA LYS A 17 7.78 45.16 0.09
C LYS A 17 6.39 44.66 -0.27
N TRP A 18 5.98 43.58 0.36
CA TRP A 18 4.67 42.99 0.10
C TRP A 18 3.48 43.77 0.54
N GLU A 19 3.62 44.55 1.60
CA GLU A 19 2.48 45.26 2.14
C GLU A 19 1.80 46.15 1.13
N PHE A 20 0.49 46.14 1.18
CA PHE A 20 -0.36 46.92 0.29
C PHE A 20 -1.41 47.54 1.20
N PRO A 21 -1.50 48.87 1.19
CA PRO A 21 -2.45 49.50 2.12
C PRO A 21 -3.86 49.04 1.88
N ARG A 22 -4.57 48.81 2.98
CA ARG A 22 -5.95 48.35 2.98
C ARG A 22 -6.89 49.36 2.32
N ASP A 23 -6.62 50.63 2.51
CA ASP A 23 -7.48 51.68 1.96
C ASP A 23 -7.56 51.59 0.45
N LYS A 24 -6.45 51.34 -0.22
CA LYS A 24 -6.44 51.26 -1.67
C LYS A 24 -7.35 50.16 -2.19
N LEU A 25 -7.34 49.02 -1.52
CA LEU A 25 -8.14 47.89 -1.95
C LEU A 25 -9.62 47.99 -1.56
N THR A 26 -10.48 47.81 -2.55
CA THR A 26 -11.91 47.84 -2.35
C THR A 26 -12.41 46.57 -2.98
N LEU A 27 -13.01 45.71 -2.16
CA LEU A 27 -13.49 44.40 -2.55
C LEU A 27 -14.62 44.34 -3.57
N GLY A 28 -14.65 43.23 -4.29
CA GLY A 28 -15.60 42.94 -5.33
C GLY A 28 -16.27 41.59 -5.10
N LYS A 29 -17.26 41.24 -5.93
CA LYS A 29 -17.98 40.00 -5.78
C LYS A 29 -17.07 38.78 -5.84
N PRO A 30 -17.38 37.76 -5.02
CA PRO A 30 -16.66 36.51 -4.83
C PRO A 30 -16.59 35.62 -6.06
N LEU A 31 -15.49 34.88 -6.20
CA LEU A 31 -15.30 33.98 -7.32
C LEU A 31 -15.05 32.54 -6.92
N GLY A 32 -16.09 31.81 -6.52
CA GLY A 32 -15.94 30.42 -6.16
C GLY A 32 -15.50 30.18 -4.73
N GLU A 33 -15.57 28.93 -4.29
CA GLU A 33 -15.17 28.59 -2.94
C GLU A 33 -14.27 27.35 -2.95
N GLY A 34 -13.39 27.26 -1.97
CA GLY A 34 -12.46 26.17 -1.87
C GLY A 34 -12.35 25.71 -0.45
N CYS A 35 -11.68 24.57 -0.26
CA CYS A 35 -11.44 24.02 1.06
C CYS A 35 -10.27 24.72 1.73
N PHE A 36 -9.61 25.61 1.00
CA PHE A 36 -8.48 26.37 1.52
C PHE A 36 -8.86 27.81 1.90
N GLY A 37 -10.12 28.16 1.72
CA GLY A 37 -10.59 29.51 2.00
C GLY A 37 -11.29 30.02 0.76
N GLN A 38 -11.40 31.34 0.60
CA GLN A 38 -12.08 31.88 -0.57
C GLN A 38 -11.38 33.06 -1.19
N VAL A 39 -11.64 33.28 -2.48
CA VAL A 39 -11.07 34.39 -3.22
C VAL A 39 -12.18 35.30 -3.71
N VAL A 40 -12.05 36.59 -3.42
CA VAL A 40 -13.05 37.56 -3.84
C VAL A 40 -12.39 38.57 -4.77
N MET A 41 -13.03 38.81 -5.91
CA MET A 41 -12.48 39.74 -6.88
C MET A 41 -12.45 41.12 -6.25
N ALA A 42 -11.36 41.84 -6.49
CA ALA A 42 -11.25 43.16 -5.93
C ALA A 42 -10.53 44.06 -6.88
N GLU A 43 -10.67 45.36 -6.69
CA GLU A 43 -9.96 46.29 -7.52
C GLU A 43 -9.02 47.07 -6.64
N ALA A 44 -7.74 47.03 -6.97
CA ALA A 44 -6.73 47.71 -6.17
C ALA A 44 -6.11 48.80 -6.99
N VAL A 45 -5.96 49.97 -6.39
CA VAL A 45 -5.44 51.11 -7.11
C VAL A 45 -3.95 51.13 -7.20
N GLY A 46 -3.47 51.10 -8.42
CA GLY A 46 -2.05 51.15 -8.72
C GLY A 46 -1.23 50.05 -8.12
N ILE A 47 -1.79 48.86 -8.02
CA ILE A 47 -1.05 47.75 -7.47
C ILE A 47 0.12 47.37 -8.35
N ASP A 48 -0.07 47.43 -9.66
CA ASP A 48 1.01 47.08 -10.56
C ASP A 48 1.93 48.23 -10.81
N LYS A 49 3.20 48.02 -10.49
CA LYS A 49 4.23 49.02 -10.70
C LYS A 49 4.47 49.10 -12.21
N ASP A 50 4.79 50.33 -12.64
CA ASP A 50 5.01 50.82 -14.03
C ASP A 50 3.68 51.19 -14.71
N LYS A 51 2.62 51.11 -13.92
CA LYS A 51 1.28 51.49 -14.28
C LYS A 51 0.65 51.99 -12.98
N PRO A 52 1.16 53.10 -12.44
CA PRO A 52 0.65 53.65 -11.19
C PRO A 52 -0.64 54.41 -11.38
N LYS A 53 -1.40 54.55 -10.30
CA LYS A 53 -2.68 55.26 -10.27
C LYS A 53 -3.72 54.73 -11.23
N GLU A 54 -3.74 53.43 -11.41
CA GLU A 54 -4.70 52.80 -12.30
C GLU A 54 -5.35 51.66 -11.54
N ALA A 55 -6.57 51.31 -11.88
CA ALA A 55 -7.21 50.24 -11.16
C ALA A 55 -7.08 48.98 -11.96
N VAL A 56 -6.44 47.98 -11.38
CA VAL A 56 -6.25 46.72 -12.05
C VAL A 56 -6.99 45.69 -11.27
N THR A 57 -7.89 44.96 -11.92
CA THR A 57 -8.66 43.97 -11.20
C THR A 57 -7.73 42.94 -10.59
N VAL A 58 -7.97 42.62 -9.32
CA VAL A 58 -7.18 41.65 -8.56
C VAL A 58 -8.15 40.74 -7.81
N ALA A 59 -7.73 39.50 -7.57
CA ALA A 59 -8.56 38.56 -6.82
C ALA A 59 -7.85 38.37 -5.49
N VAL A 60 -8.57 38.54 -4.38
CA VAL A 60 -7.98 38.46 -3.07
C VAL A 60 -8.24 37.16 -2.35
N LYS A 61 -7.21 36.42 -1.97
CA LYS A 61 -7.46 35.20 -1.23
C LYS A 61 -7.63 35.59 0.22
N MET A 62 -8.74 35.18 0.82
CA MET A 62 -9.07 35.50 2.20
C MET A 62 -9.65 34.32 2.94
N LEU A 63 -9.55 34.36 4.26
CA LEU A 63 -10.05 33.29 5.11
C LEU A 63 -11.56 33.14 5.01
N LYS A 64 -12.04 31.90 4.94
CA LYS A 64 -13.47 31.63 4.87
C LYS A 64 -14.11 31.95 6.21
N ASP A 65 -15.37 32.38 6.20
CA ASP A 65 -16.02 32.74 7.45
C ASP A 65 -15.77 31.68 8.50
N ASP A 66 -15.88 30.41 8.12
CA ASP A 66 -15.56 29.32 9.02
C ASP A 66 -14.15 29.03 8.56
N ALA A 67 -13.18 29.09 9.47
CA ALA A 67 -11.81 28.90 9.05
C ALA A 67 -11.07 27.74 9.67
N THR A 68 -10.54 26.87 8.83
CA THR A 68 -9.78 25.74 9.30
C THR A 68 -8.49 26.30 9.85
N GLU A 69 -8.08 25.86 11.04
CA GLU A 69 -6.82 26.35 11.56
C GLU A 69 -5.67 26.08 10.61
N LYS A 70 -5.69 24.93 9.97
CA LYS A 70 -4.69 24.61 9.00
C LYS A 70 -4.82 25.66 7.90
N ASP A 71 -6.05 26.08 7.60
CA ASP A 71 -6.25 27.05 6.51
C ASP A 71 -5.56 28.37 6.83
N LEU A 72 -5.61 28.82 8.08
CA LEU A 72 -4.93 30.07 8.38
C LEU A 72 -3.46 29.85 8.14
N SER A 73 -2.92 28.76 8.65
CA SER A 73 -1.50 28.48 8.46
C SER A 73 -1.20 28.28 7.01
N ASP A 74 -2.14 27.67 6.32
CA ASP A 74 -1.96 27.36 4.93
C ASP A 74 -1.72 28.62 4.12
N LEU A 75 -2.49 29.67 4.38
CA LEU A 75 -2.33 30.91 3.63
C LEU A 75 -0.97 31.54 3.85
N VAL A 76 -0.54 31.57 5.10
CA VAL A 76 0.74 32.13 5.45
C VAL A 76 1.81 31.40 4.67
N SER A 77 1.73 30.07 4.62
CA SER A 77 2.67 29.30 3.84
C SER A 77 2.51 29.57 2.37
N GLU A 78 1.25 29.65 1.93
CA GLU A 78 0.98 29.92 0.52
C GLU A 78 1.56 31.26 0.11
N MET A 79 1.42 32.25 0.99
CA MET A 79 1.94 33.58 0.73
C MET A 79 3.45 33.57 0.60
N GLU A 80 4.10 32.78 1.45
CA GLU A 80 5.55 32.68 1.46
C GLU A 80 6.09 32.15 0.14
N MET A 81 5.39 31.18 -0.44
CA MET A 81 5.79 30.59 -1.70
C MET A 81 5.80 31.62 -2.81
N MET A 82 4.81 32.50 -2.82
CA MET A 82 4.70 33.54 -3.83
C MET A 82 5.88 34.49 -3.81
N LYS A 83 6.38 34.81 -2.61
CA LYS A 83 7.51 35.71 -2.49
C LYS A 83 8.78 35.15 -3.15
N MET A 84 9.00 33.85 -2.99
CA MET A 84 10.17 33.17 -3.53
C MET A 84 10.16 32.84 -5.02
N ILE A 85 9.04 32.42 -5.58
CA ILE A 85 9.03 32.01 -7.00
C ILE A 85 9.41 33.09 -8.03
N GLY A 86 8.92 34.31 -7.87
CA GLY A 86 9.28 35.36 -8.78
C GLY A 86 8.36 35.36 -9.97
N LYS A 87 8.21 36.52 -10.60
CA LYS A 87 7.32 36.69 -11.73
C LYS A 87 7.62 35.80 -12.92
N HIS A 88 6.56 35.34 -13.57
CA HIS A 88 6.69 34.55 -14.77
C HIS A 88 5.42 34.76 -15.55
N LYS A 89 5.50 34.72 -16.87
CA LYS A 89 4.31 34.93 -17.67
C LYS A 89 3.31 33.82 -17.41
N ASN A 90 3.79 32.58 -17.32
CA ASN A 90 2.93 31.40 -17.16
C ASN A 90 2.50 30.96 -15.76
N ILE A 91 2.99 31.59 -14.71
CA ILE A 91 2.61 31.19 -13.37
C ILE A 91 1.99 32.36 -12.63
N ILE A 92 1.04 32.08 -11.75
CA ILE A 92 0.37 33.14 -11.01
C ILE A 92 1.43 33.85 -10.18
N ASN A 93 1.39 35.17 -10.17
CA ASN A 93 2.40 35.94 -9.45
C ASN A 93 1.82 36.89 -8.42
N LEU A 94 2.49 37.01 -7.28
CA LEU A 94 2.06 37.92 -6.24
C LEU A 94 2.19 39.34 -6.77
N LEU A 95 1.22 40.19 -6.44
CA LEU A 95 1.23 41.56 -6.92
C LEU A 95 1.52 42.45 -5.74
N GLY A 96 0.94 42.06 -4.61
CA GLY A 96 1.08 42.73 -3.32
C GLY A 96 0.46 41.87 -2.23
N ALA A 97 0.32 42.40 -1.02
CA ALA A 97 -0.27 41.65 0.09
C ALA A 97 -0.72 42.55 1.22
N CYS A 98 -1.68 42.08 2.01
CA CYS A 98 -2.11 42.84 3.17
C CYS A 98 -1.68 41.99 4.36
N THR A 99 -0.79 42.52 5.18
CA THR A 99 -0.26 41.76 6.31
C THR A 99 -0.45 42.38 7.67
N GLN A 100 -0.88 43.63 7.72
CA GLN A 100 -0.97 44.34 8.99
C GLN A 100 -2.21 44.12 9.85
N ASP A 101 -2.41 45.02 10.81
CA ASP A 101 -3.50 44.88 11.76
C ASP A 101 -4.83 44.81 11.03
N GLY A 102 -5.68 43.90 11.50
CA GLY A 102 -6.96 43.65 10.88
C GLY A 102 -6.89 42.35 10.10
N PRO A 103 -7.91 42.09 9.28
CA PRO A 103 -8.00 40.89 8.47
C PRO A 103 -6.90 40.84 7.43
N LEU A 104 -6.43 39.65 7.11
CA LEU A 104 -5.36 39.49 6.16
C LEU A 104 -5.90 39.10 4.82
N TYR A 105 -5.78 40.02 3.87
CA TYR A 105 -6.22 39.79 2.52
C TYR A 105 -4.92 39.61 1.76
N VAL A 106 -4.85 38.59 0.93
CA VAL A 106 -3.68 38.33 0.12
C VAL A 106 -4.17 38.52 -1.29
N ILE A 107 -3.51 39.36 -2.08
CA ILE A 107 -3.98 39.55 -3.45
C ILE A 107 -3.14 38.80 -4.43
N VAL A 108 -3.79 38.21 -5.42
CA VAL A 108 -3.12 37.48 -6.48
C VAL A 108 -3.74 37.80 -7.85
N GLU A 109 -2.98 37.67 -8.93
CA GLU A 109 -3.48 37.97 -10.27
C GLU A 109 -4.85 37.42 -10.65
N TYR A 110 -5.60 38.19 -11.42
CA TYR A 110 -6.92 37.77 -11.83
C TYR A 110 -6.94 37.32 -13.27
N ALA A 111 -7.34 36.08 -13.49
CA ALA A 111 -7.43 35.51 -14.82
C ALA A 111 -8.91 35.47 -15.12
N SER A 112 -9.29 36.10 -16.22
CA SER A 112 -10.69 36.24 -16.58
C SER A 112 -11.44 34.95 -16.82
N LYS A 113 -10.86 34.05 -17.59
CA LYS A 113 -11.53 32.82 -17.91
C LYS A 113 -11.75 31.81 -16.78
N GLY A 114 -10.78 31.67 -15.89
CA GLY A 114 -10.93 30.72 -14.79
C GLY A 114 -9.95 29.57 -14.80
N ASN A 115 -10.19 28.57 -13.95
CA ASN A 115 -9.32 27.42 -13.87
C ASN A 115 -9.38 26.66 -15.16
N LEU A 116 -8.28 26.09 -15.60
CA LEU A 116 -8.24 25.40 -16.88
C LEU A 116 -9.11 24.17 -17.12
N ARG A 117 -9.22 23.25 -16.17
CA ARG A 117 -10.00 22.06 -16.44
C ARG A 117 -11.43 22.41 -16.69
N GLU A 118 -11.99 23.29 -15.89
CA GLU A 118 -13.36 23.65 -16.14
C GLU A 118 -13.52 24.36 -17.46
N TYR A 119 -12.58 25.24 -17.78
CA TYR A 119 -12.65 25.99 -19.00
C TYR A 119 -12.63 25.04 -20.18
N LEU A 120 -11.76 24.05 -20.18
CA LEU A 120 -11.82 23.07 -21.25
C LEU A 120 -13.20 22.45 -21.31
N ARG A 121 -13.74 22.06 -20.16
CA ARG A 121 -15.05 21.45 -20.16
C ARG A 121 -16.12 22.38 -20.70
N ALA A 122 -15.77 23.65 -20.84
CA ALA A 122 -16.62 24.64 -21.47
C ALA A 122 -16.76 24.44 -22.98
N ARG A 123 -15.68 23.95 -23.59
CA ARG A 123 -15.59 23.85 -25.05
C ARG A 123 -15.55 22.51 -25.78
N ARG A 124 -16.20 21.50 -25.22
CA ARG A 124 -16.24 20.17 -25.80
C ARG A 124 -17.42 20.17 -26.73
N PRO A 125 -17.19 19.91 -28.02
CA PRO A 125 -18.15 19.86 -29.11
C PRO A 125 -19.50 19.27 -28.72
N GLU A 140 -18.49 26.24 -27.84
CA GLU A 140 -17.30 26.99 -28.19
C GLU A 140 -16.41 26.16 -29.07
N GLN A 141 -15.33 26.75 -29.59
CA GLN A 141 -14.42 26.02 -30.46
C GLN A 141 -12.95 26.08 -30.09
N MET A 142 -12.34 24.91 -29.93
CA MET A 142 -10.92 24.81 -29.63
C MET A 142 -10.25 23.88 -30.62
N THR A 143 -9.30 24.42 -31.37
CA THR A 143 -8.56 23.65 -32.35
C THR A 143 -7.48 22.86 -31.66
N PHE A 144 -6.95 21.86 -32.34
CA PHE A 144 -5.91 21.00 -31.78
C PHE A 144 -4.64 21.74 -31.46
N LYS A 145 -4.26 22.70 -32.29
CA LYS A 145 -3.05 23.45 -32.06
C LYS A 145 -3.09 24.18 -30.72
N ASP A 146 -4.24 24.74 -30.34
CA ASP A 146 -4.35 25.41 -29.05
C ASP A 146 -4.10 24.42 -27.93
N LEU A 147 -4.64 23.21 -28.03
CA LEU A 147 -4.42 22.23 -26.99
C LEU A 147 -2.94 21.92 -26.87
N VAL A 148 -2.24 21.76 -27.98
CA VAL A 148 -0.80 21.54 -27.91
C VAL A 148 -0.15 22.78 -27.40
N SER A 149 -0.61 23.94 -27.86
CA SER A 149 -0.02 25.18 -27.42
C SER A 149 -0.21 25.39 -25.96
N CYS A 150 -1.38 25.05 -25.45
CA CYS A 150 -1.68 25.24 -24.05
C CYS A 150 -0.77 24.43 -23.18
N THR A 151 -0.46 23.21 -23.58
CA THR A 151 0.46 22.37 -22.86
C THR A 151 1.84 22.96 -22.86
N TYR A 152 2.24 23.59 -23.95
CA TYR A 152 3.55 24.18 -24.00
C TYR A 152 3.68 25.25 -22.94
N GLN A 153 2.67 26.09 -22.73
CA GLN A 153 2.80 27.13 -21.72
C GLN A 153 2.99 26.51 -20.36
N LEU A 154 2.24 25.49 -20.03
CA LEU A 154 2.39 24.90 -18.72
C LEU A 154 3.77 24.29 -18.53
N ALA A 155 4.29 23.65 -19.56
CA ALA A 155 5.62 23.07 -19.47
C ALA A 155 6.66 24.14 -19.26
N ARG A 156 6.51 25.27 -19.94
CA ARG A 156 7.45 26.37 -19.74
C ARG A 156 7.33 26.90 -18.31
N GLY A 157 6.11 26.98 -17.81
CA GLY A 157 5.88 27.48 -16.47
C GLY A 157 6.53 26.62 -15.43
N MET A 158 6.46 25.31 -15.62
CA MET A 158 7.07 24.35 -14.71
C MET A 158 8.58 24.48 -14.66
N GLU A 159 9.19 24.78 -15.81
CA GLU A 159 10.63 24.89 -15.88
C GLU A 159 11.15 25.96 -14.93
N TYR A 160 10.47 27.09 -14.85
CA TYR A 160 10.89 28.13 -13.93
C TYR A 160 10.88 27.61 -12.51
N LEU A 161 9.84 26.88 -12.14
CA LEU A 161 9.79 26.33 -10.78
C LEU A 161 10.93 25.37 -10.59
N ALA A 162 11.22 24.54 -11.58
CA ALA A 162 12.35 23.63 -11.49
C ALA A 162 13.63 24.43 -11.40
N SER A 163 13.75 25.49 -12.18
CA SER A 163 14.93 26.32 -12.14
C SER A 163 15.05 27.00 -10.78
N GLN A 164 13.92 27.43 -10.22
CA GLN A 164 13.92 28.09 -8.93
C GLN A 164 13.92 27.11 -7.76
N LYS A 165 14.25 25.86 -8.04
CA LYS A 165 14.34 24.85 -7.02
C LYS A 165 13.15 24.72 -6.10
N CYS A 166 11.96 24.72 -6.65
CA CYS A 166 10.75 24.52 -5.87
C CYS A 166 9.96 23.44 -6.57
N ILE A 167 9.19 22.70 -5.82
CA ILE A 167 8.42 21.65 -6.43
C ILE A 167 6.97 21.93 -6.18
N HIS A 168 6.15 21.82 -7.22
CA HIS A 168 4.73 22.02 -7.03
C HIS A 168 4.23 20.62 -6.87
N ARG A 169 3.94 20.23 -5.64
CA ARG A 169 3.46 18.88 -5.41
C ARG A 169 2.10 18.58 -5.97
N ASP A 170 1.19 19.52 -5.83
CA ASP A 170 -0.16 19.36 -6.34
C ASP A 170 -0.31 19.89 -7.75
N LEU A 171 0.45 19.39 -8.71
CA LEU A 171 0.34 19.93 -10.07
C LEU A 171 -0.74 19.23 -10.86
N ALA A 172 -1.94 19.79 -10.87
CA ALA A 172 -3.04 19.18 -11.58
C ALA A 172 -3.73 20.23 -12.40
N ALA A 173 -4.46 19.78 -13.42
CA ALA A 173 -5.14 20.65 -14.39
C ALA A 173 -6.20 21.60 -13.85
N ARG A 174 -6.97 21.16 -12.87
CA ARG A 174 -8.04 21.98 -12.31
C ARG A 174 -7.55 23.28 -11.67
N ASN A 175 -6.38 23.24 -11.06
CA ASN A 175 -5.80 24.39 -10.40
C ASN A 175 -5.01 25.34 -11.31
N VAL A 176 -4.94 25.08 -12.60
CA VAL A 176 -4.17 25.96 -13.45
C VAL A 176 -5.12 27.05 -13.92
N LEU A 177 -4.92 28.30 -13.54
CA LEU A 177 -5.84 29.35 -13.98
C LEU A 177 -5.50 29.87 -15.36
N VAL A 178 -6.46 29.96 -16.26
CA VAL A 178 -6.14 30.49 -17.59
C VAL A 178 -6.73 31.86 -17.73
N THR A 179 -5.89 32.84 -18.04
CA THR A 179 -6.37 34.21 -18.13
C THR A 179 -7.14 34.58 -19.32
N GLU A 180 -7.69 35.79 -19.29
CA GLU A 180 -8.38 36.29 -20.46
C GLU A 180 -7.27 36.34 -21.48
N ASN A 181 -7.57 35.89 -22.70
CA ASN A 181 -6.63 35.76 -23.84
C ASN A 181 -5.69 34.55 -23.72
N ASN A 182 -6.07 33.64 -22.82
CA ASN A 182 -5.37 32.38 -22.56
C ASN A 182 -3.91 32.33 -22.12
N VAL A 183 -3.49 33.19 -21.19
CA VAL A 183 -2.11 33.11 -20.74
C VAL A 183 -2.27 32.16 -19.58
N MET A 184 -1.97 30.88 -19.76
CA MET A 184 -2.18 29.92 -18.68
C MET A 184 -1.31 30.23 -17.47
N LYS A 185 -1.90 30.11 -16.28
CA LYS A 185 -1.20 30.38 -15.03
C LYS A 185 -1.32 29.25 -14.02
N ILE A 186 -0.20 28.87 -13.41
CA ILE A 186 -0.18 27.82 -12.38
C ILE A 186 -0.82 28.35 -11.09
N ALA A 187 -1.36 27.46 -10.25
CA ALA A 187 -2.03 27.87 -9.01
C ALA A 187 -2.05 26.82 -7.90
N ASP A 188 -2.66 27.19 -6.77
CA ASP A 188 -2.78 26.30 -5.60
C ASP A 188 -1.48 25.75 -5.06
N PHE A 189 -0.61 26.71 -4.79
CA PHE A 189 0.78 26.58 -4.34
C PHE A 189 1.05 26.18 -2.90
N GLY A 190 0.02 26.04 -2.08
CA GLY A 190 0.27 25.71 -0.69
C GLY A 190 1.04 24.41 -0.50
N LEU A 191 0.73 23.39 -1.28
CA LEU A 191 1.42 22.11 -1.20
C LEU A 191 2.91 22.13 -1.59
N ALA A 192 3.26 22.91 -2.61
CA ALA A 192 4.64 22.96 -3.09
C ALA A 192 5.61 23.46 -2.03
N ARG A 193 6.84 22.92 -2.01
CA ARG A 193 7.83 23.30 -1.01
C ARG A 193 9.22 23.45 -1.60
N ASP A 194 10.08 24.21 -0.96
CA ASP A 194 11.45 24.46 -1.43
C ASP A 194 12.37 23.25 -1.39
N ILE A 195 13.33 23.21 -2.30
CA ILE A 195 14.30 22.13 -2.37
C ILE A 195 15.70 22.68 -2.65
N ASN A 196 16.06 23.74 -1.95
CA ASN A 196 17.36 24.36 -2.18
C ASN A 196 18.55 23.45 -1.90
N ASN A 197 18.53 22.73 -0.79
CA ASN A 197 19.63 21.82 -0.44
C ASN A 197 19.30 20.32 -0.39
N ILE A 198 18.03 19.97 -0.17
CA ILE A 198 17.66 18.56 -0.11
C ILE A 198 16.63 18.25 -1.18
N ASP A 199 17.00 17.36 -2.10
CA ASP A 199 16.11 16.98 -3.20
C ASP A 199 14.83 16.19 -2.90
N TYR A 201 12.80 15.68 0.01
CA TYR A 201 11.68 16.20 0.80
C TYR A 201 10.83 15.02 1.29
N LYS A 202 11.51 13.98 1.76
CA LYS A 202 10.87 12.75 2.23
C LYS A 202 10.11 12.89 3.55
N LYS A 203 10.32 13.97 4.28
CA LYS A 203 9.68 14.14 5.58
C LYS A 203 8.15 14.14 5.58
N THR A 204 7.50 14.81 4.62
CA THR A 204 6.05 14.81 4.65
C THR A 204 5.51 13.49 4.12
N THR A 205 4.61 12.86 4.88
CA THR A 205 3.99 11.61 4.45
C THR A 205 2.47 11.69 4.51
N ASN A 206 1.84 11.51 3.36
CA ASN A 206 0.38 11.47 3.19
C ASN A 206 -0.39 12.61 3.82
N GLY A 207 0.05 13.86 3.67
CA GLY A 207 -0.71 14.86 4.39
C GLY A 207 -1.95 15.37 3.69
N ARG A 208 -1.82 15.74 2.43
CA ARG A 208 -2.95 16.25 1.68
C ARG A 208 -2.75 16.23 0.17
N LEU A 209 -2.78 15.07 -0.45
CA LEU A 209 -2.60 15.04 -1.90
C LEU A 209 -3.51 14.09 -2.66
N PRO A 210 -3.84 14.52 -3.94
CA PRO A 210 -4.72 13.60 -4.66
C PRO A 210 -3.94 12.36 -5.07
N VAL A 211 -4.57 11.20 -4.99
CA VAL A 211 -3.92 9.98 -5.38
C VAL A 211 -3.69 9.85 -6.86
N LYS A 212 -4.70 10.23 -7.63
CA LYS A 212 -4.64 10.10 -9.06
C LYS A 212 -3.56 10.94 -9.72
N TRP A 213 -3.33 12.15 -9.25
CA TRP A 213 -2.28 12.98 -9.82
C TRP A 213 -0.94 12.80 -9.13
N MET A 214 -0.90 12.07 -8.02
CA MET A 214 0.37 11.88 -7.33
C MET A 214 1.29 10.97 -8.09
N ALA A 215 2.59 11.09 -7.90
CA ALA A 215 3.49 10.21 -8.62
C ALA A 215 3.61 8.90 -7.92
N PRO A 216 4.20 7.91 -8.59
CA PRO A 216 4.28 6.60 -7.95
C PRO A 216 5.30 6.57 -6.85
N GLU A 217 6.47 7.15 -7.07
CA GLU A 217 7.49 7.09 -6.06
C GLU A 217 7.03 7.77 -4.78
N ALA A 218 6.43 8.94 -4.92
CA ALA A 218 5.95 9.67 -3.77
C ALA A 218 4.81 8.96 -3.06
N LEU A 219 3.93 8.34 -3.82
CA LEU A 219 2.80 7.66 -3.22
C LEU A 219 3.27 6.52 -2.32
N PHE A 220 4.24 5.76 -2.78
CA PHE A 220 4.74 4.64 -2.00
C PHE A 220 5.96 4.92 -1.14
N ASP A 221 6.96 5.60 -1.68
CA ASP A 221 8.19 5.88 -0.92
C ASP A 221 8.23 7.19 -0.17
N ARG A 222 7.17 7.98 -0.30
CA ARG A 222 7.06 9.28 0.34
C ARG A 222 8.20 10.23 0.01
N VAL A 223 8.65 10.23 -1.25
CA VAL A 223 9.71 11.13 -1.69
C VAL A 223 9.23 11.91 -2.91
N TYR A 224 9.41 13.22 -2.93
CA TYR A 224 8.92 14.00 -4.06
C TYR A 224 10.08 14.78 -4.63
N THR A 225 10.14 14.96 -5.94
CA THR A 225 11.19 15.70 -6.61
C THR A 225 10.67 16.25 -7.93
N HIS A 226 11.56 16.84 -8.72
CA HIS A 226 11.17 17.35 -10.03
C HIS A 226 10.82 16.24 -10.97
N GLN A 227 11.59 15.18 -11.01
CA GLN A 227 11.18 14.09 -11.86
C GLN A 227 9.83 13.64 -11.29
N SER A 228 9.63 13.80 -10.00
CA SER A 228 8.36 13.34 -9.47
C SER A 228 7.25 14.25 -9.95
N ASP A 229 7.52 15.54 -10.10
CA ASP A 229 6.50 16.44 -10.61
C ASP A 229 6.15 16.11 -12.04
N VAL A 230 7.14 15.84 -12.85
CA VAL A 230 6.76 15.54 -14.22
C VAL A 230 5.70 14.45 -14.32
N TRP A 231 5.66 13.50 -13.40
CA TRP A 231 4.63 12.49 -13.48
C TRP A 231 3.29 13.14 -13.23
N SER A 232 3.26 14.16 -12.39
CA SER A 232 2.00 14.83 -12.15
C SER A 232 1.72 15.60 -13.42
N PHE A 233 2.75 16.13 -14.02
CA PHE A 233 2.60 16.85 -15.26
C PHE A 233 2.11 15.94 -16.36
N GLY A 234 2.56 14.70 -16.33
CA GLY A 234 2.16 13.71 -17.32
C GLY A 234 0.68 13.57 -17.30
N VAL A 235 0.10 13.42 -16.13
CA VAL A 235 -1.33 13.31 -16.04
C VAL A 235 -1.98 14.62 -16.48
N LEU A 236 -1.40 15.74 -16.10
CA LEU A 236 -1.94 17.04 -16.47
C LEU A 236 -2.12 17.17 -17.97
N MET A 237 -1.21 16.62 -18.77
CA MET A 237 -1.40 16.67 -20.22
C MET A 237 -2.67 15.92 -20.59
N TRP A 238 -2.90 14.75 -19.98
CA TRP A 238 -4.08 13.98 -20.30
C TRP A 238 -5.37 14.67 -19.94
N GLU A 239 -5.46 15.31 -18.80
CA GLU A 239 -6.68 16.02 -18.45
C GLU A 239 -6.94 17.07 -19.49
N ILE A 240 -5.91 17.80 -19.83
CA ILE A 240 -6.00 18.88 -20.81
C ILE A 240 -6.31 18.37 -22.20
N PHE A 241 -5.71 17.27 -22.57
CA PHE A 241 -5.96 16.68 -23.88
C PHE A 241 -7.36 16.15 -24.11
N THR A 242 -7.99 15.57 -23.10
CA THR A 242 -9.34 15.14 -23.31
C THR A 242 -10.36 16.10 -22.72
N LEU A 243 -10.18 17.41 -22.92
CA LEU A 243 -11.14 18.36 -22.41
C LEU A 243 -11.48 18.23 -20.93
N GLY A 244 -10.47 18.31 -20.09
CA GLY A 244 -10.71 18.26 -18.67
C GLY A 244 -11.38 17.01 -18.18
N GLY A 245 -11.03 15.88 -18.76
CA GLY A 245 -11.60 14.62 -18.32
C GLY A 245 -10.95 14.20 -17.03
N SER A 246 -11.65 13.46 -16.21
CA SER A 246 -11.06 13.00 -14.98
C SER A 246 -10.00 12.00 -15.38
N PRO A 247 -8.86 12.01 -14.70
CA PRO A 247 -7.74 11.10 -14.92
C PRO A 247 -8.09 9.75 -14.36
N TYR A 248 -7.52 8.68 -14.92
CA TYR A 248 -7.78 7.33 -14.45
C TYR A 248 -9.26 7.07 -14.35
N PRO A 249 -9.96 7.27 -15.46
CA PRO A 249 -11.40 7.11 -15.59
C PRO A 249 -11.88 5.70 -15.35
N GLY A 250 -12.99 5.59 -14.63
CA GLY A 250 -13.60 4.30 -14.34
C GLY A 250 -12.85 3.49 -13.33
N ILE A 251 -11.87 4.07 -12.67
CA ILE A 251 -11.11 3.31 -11.71
C ILE A 251 -11.08 4.05 -10.41
N PRO A 252 -11.49 3.39 -9.34
CA PRO A 252 -11.60 3.97 -8.02
C PRO A 252 -10.25 4.24 -7.45
N VAL A 253 -10.15 5.25 -6.60
CA VAL A 253 -8.91 5.61 -5.95
C VAL A 253 -8.41 4.52 -5.06
N GLU A 254 -9.33 3.85 -4.37
CA GLU A 254 -8.97 2.81 -3.44
C GLU A 254 -8.26 1.65 -4.13
N GLU A 255 -8.69 1.30 -5.32
CA GLU A 255 -8.06 0.23 -6.07
C GLU A 255 -6.97 0.74 -6.97
N LEU A 256 -6.67 2.02 -6.93
CA LEU A 256 -5.62 2.54 -7.78
C LEU A 256 -4.26 1.95 -7.47
N PHE A 257 -3.98 1.69 -6.20
CA PHE A 257 -2.68 1.18 -5.84
C PHE A 257 -2.38 -0.13 -6.53
N LYS A 258 -3.33 -1.04 -6.59
CA LYS A 258 -2.99 -2.31 -7.20
C LYS A 258 -2.63 -2.20 -8.67
N LEU A 259 -3.37 -1.41 -9.43
CA LEU A 259 -3.01 -1.31 -10.83
C LEU A 259 -1.67 -0.61 -11.00
N LEU A 260 -1.41 0.40 -10.19
CA LEU A 260 -0.17 1.15 -10.34
C LEU A 260 1.04 0.29 -10.20
N LYS A 261 1.05 -0.64 -9.25
CA LYS A 261 2.20 -1.51 -9.13
C LYS A 261 2.35 -2.39 -10.36
N GLU A 262 1.24 -2.86 -10.90
CA GLU A 262 1.24 -3.70 -12.07
C GLU A 262 1.60 -3.00 -13.39
N GLY A 263 1.59 -1.68 -13.42
CA GLY A 263 1.92 -0.95 -14.62
C GLY A 263 0.82 -0.43 -15.52
N HIS A 264 -0.44 -0.56 -15.12
CA HIS A 264 -1.52 -0.05 -15.94
C HIS A 264 -1.34 1.44 -16.03
N ARG A 265 -1.42 1.98 -17.24
CA ARG A 265 -1.33 3.42 -17.45
C ARG A 265 -2.49 3.81 -18.36
N MET A 266 -3.10 4.95 -18.11
CA MET A 266 -4.27 5.35 -18.89
C MET A 266 -3.97 5.49 -20.38
N ASP A 267 -4.93 5.08 -21.19
CA ASP A 267 -4.85 5.14 -22.65
C ASP A 267 -4.89 6.56 -23.20
N LYS A 268 -4.27 6.73 -24.37
CA LYS A 268 -4.24 8.04 -25.01
C LYS A 268 -5.65 8.46 -25.38
N PRO A 269 -5.95 9.74 -25.19
CA PRO A 269 -7.27 10.28 -25.51
C PRO A 269 -7.46 10.25 -27.01
N ALA A 270 -8.70 10.18 -27.48
CA ALA A 270 -8.94 10.13 -28.92
C ALA A 270 -8.36 11.34 -29.65
N ASN A 271 -8.42 12.51 -29.03
CA ASN A 271 -7.88 13.71 -29.65
C ASN A 271 -6.39 13.64 -29.91
N CYS A 272 -5.66 13.03 -29.00
CA CYS A 272 -4.23 12.99 -29.06
C CYS A 272 -3.52 12.34 -30.21
N THR A 273 -2.46 13.00 -30.64
CA THR A 273 -1.56 12.57 -31.69
C THR A 273 -0.69 11.50 -31.09
N ASN A 274 -0.12 10.63 -31.91
CA ASN A 274 0.76 9.61 -31.36
C ASN A 274 1.96 10.22 -30.67
N GLU A 275 2.54 11.25 -31.28
CA GLU A 275 3.74 11.87 -30.74
C GLU A 275 3.51 12.39 -29.35
N LEU A 276 2.38 13.04 -29.11
CA LEU A 276 2.09 13.51 -27.78
C LEU A 276 1.92 12.33 -26.85
N TYR A 277 1.24 11.29 -27.31
CA TYR A 277 1.03 10.14 -26.43
C TYR A 277 2.32 9.49 -26.02
N MET A 278 3.30 9.39 -26.90
CA MET A 278 4.55 8.80 -26.46
C MET A 278 5.18 9.70 -25.39
N MET A 279 5.12 11.02 -25.53
CA MET A 279 5.64 11.89 -24.48
C MET A 279 4.86 11.66 -23.20
N MET A 280 3.55 11.47 -23.32
CA MET A 280 2.73 11.20 -22.16
C MET A 280 3.23 9.94 -21.50
N ARG A 281 3.42 8.89 -22.27
CA ARG A 281 3.90 7.65 -21.71
C ARG A 281 5.28 7.93 -21.19
N ASP A 282 6.04 8.76 -21.91
CA ASP A 282 7.40 9.12 -21.56
C ASP A 282 7.46 9.82 -20.22
N CYS A 283 6.48 10.67 -19.94
CA CYS A 283 6.34 11.37 -18.67
C CYS A 283 5.88 10.47 -17.53
N TRP A 284 5.39 9.28 -17.83
CA TRP A 284 4.91 8.34 -16.84
C TRP A 284 5.88 7.22 -16.53
N HIS A 285 7.15 7.33 -16.93
CA HIS A 285 8.11 6.26 -16.69
C HIS A 285 8.23 5.97 -15.23
N ALA A 286 8.37 4.69 -14.92
CA ALA A 286 8.46 4.24 -13.54
C ALA A 286 9.66 4.77 -12.81
N VAL A 287 10.79 4.87 -13.49
CA VAL A 287 11.97 5.35 -12.84
C VAL A 287 12.14 6.83 -13.09
N PRO A 288 12.17 7.60 -12.01
CA PRO A 288 12.33 9.05 -12.08
C PRO A 288 13.58 9.45 -12.81
N SER A 289 14.68 8.75 -12.59
CA SER A 289 15.95 9.08 -13.21
C SER A 289 15.73 9.11 -14.71
N GLN A 290 14.89 8.20 -15.21
CA GLN A 290 14.57 8.10 -16.62
C GLN A 290 13.61 9.11 -17.26
N ARG A 291 12.59 9.54 -16.53
CA ARG A 291 11.63 10.49 -17.10
C ARG A 291 12.26 11.79 -17.56
N PRO A 292 11.64 12.42 -18.53
CA PRO A 292 12.22 13.71 -18.90
C PRO A 292 11.99 14.79 -17.88
N THR A 293 12.99 15.65 -17.76
CA THR A 293 12.97 16.81 -16.90
C THR A 293 12.24 17.91 -17.64
N PHE A 294 11.85 18.95 -16.94
CA PHE A 294 11.06 19.99 -17.59
C PHE A 294 11.72 20.68 -18.75
N LYS A 295 13.03 20.84 -18.75
CA LYS A 295 13.71 21.47 -19.87
C LYS A 295 13.43 20.66 -21.14
N GLN A 296 13.52 19.34 -21.07
CA GLN A 296 13.21 18.50 -22.20
C GLN A 296 11.77 18.60 -22.61
N LEU A 297 10.85 18.64 -21.66
CA LEU A 297 9.46 18.73 -22.05
C LEU A 297 9.22 20.03 -22.78
N VAL A 298 9.76 21.12 -22.29
CA VAL A 298 9.54 22.36 -22.99
C VAL A 298 10.19 22.33 -24.34
N GLU A 299 11.39 21.78 -24.44
CA GLU A 299 12.05 21.74 -25.74
C GLU A 299 11.33 20.84 -26.73
N ASP A 300 10.91 19.66 -26.29
CA ASP A 300 10.23 18.76 -27.19
C ASP A 300 8.93 19.36 -27.63
N LEU A 301 8.20 19.96 -26.71
CA LEU A 301 6.91 20.54 -27.06
C LEU A 301 7.05 21.68 -28.03
N ASP A 302 8.12 22.44 -27.90
CA ASP A 302 8.30 23.58 -28.77
C ASP A 302 8.39 23.16 -30.23
N ARG A 303 9.14 22.11 -30.50
CA ARG A 303 9.26 21.65 -31.88
C ARG A 303 7.91 21.19 -32.35
N ILE A 304 7.28 20.32 -31.59
CA ILE A 304 5.98 19.81 -31.97
C ILE A 304 5.12 21.01 -32.25
N LEU A 305 5.25 22.01 -31.40
CA LEU A 305 4.49 23.23 -31.52
C LEU A 305 4.79 23.97 -32.81
N THR A 306 6.05 23.97 -33.20
CA THR A 306 6.47 24.69 -34.38
C THR A 306 5.82 24.22 -35.67
N LEU A 307 5.57 22.92 -35.78
CA LEU A 307 4.99 22.33 -36.98
C LEU A 307 3.47 22.34 -37.04
N THR A 308 2.83 23.02 -36.11
CA THR A 308 1.39 23.03 -36.02
C THR A 308 0.63 23.55 -37.23
N THR A 309 1.12 24.62 -37.84
CA THR A 309 0.43 25.20 -39.00
C THR A 309 0.13 24.17 -40.10
N GLU B 11 14.91 -29.36 -24.35
CA GLU B 11 14.95 -28.78 -23.02
C GLU B 11 16.27 -28.05 -22.83
N LEU B 12 17.37 -28.76 -23.02
CA LEU B 12 18.69 -28.16 -22.88
C LEU B 12 19.47 -28.32 -24.18
N PRO B 13 20.07 -27.23 -24.68
CA PRO B 13 20.84 -27.16 -25.92
C PRO B 13 22.29 -27.60 -25.77
N GLU B 14 23.16 -27.11 -26.64
CA GLU B 14 24.56 -27.49 -26.53
C GLU B 14 25.51 -26.29 -26.53
N ASP B 15 26.34 -26.21 -25.50
CA ASP B 15 27.31 -25.15 -25.38
C ASP B 15 28.63 -25.84 -25.55
N PRO B 16 29.15 -25.88 -26.76
CA PRO B 16 30.34 -26.74 -26.79
C PRO B 16 31.43 -26.38 -25.79
N LYS B 17 31.74 -25.11 -25.57
CA LYS B 17 32.77 -24.78 -24.60
C LYS B 17 32.38 -25.16 -23.17
N TRP B 18 31.12 -24.93 -22.83
CA TRP B 18 30.60 -25.15 -21.49
C TRP B 18 30.42 -26.58 -21.07
N GLU B 19 29.93 -27.44 -21.96
CA GLU B 19 29.65 -28.81 -21.55
C GLU B 19 30.86 -29.57 -21.05
N PHE B 20 30.62 -30.40 -20.03
CA PHE B 20 31.63 -31.20 -19.42
C PHE B 20 30.93 -32.53 -19.27
N PRO B 21 31.47 -33.61 -19.82
CA PRO B 21 30.79 -34.90 -19.76
C PRO B 21 30.58 -35.41 -18.34
N ARG B 22 29.48 -36.12 -18.13
CA ARG B 22 29.14 -36.64 -16.81
C ARG B 22 30.15 -37.62 -16.31
N ASP B 23 30.66 -38.47 -17.20
CA ASP B 23 31.61 -39.49 -16.77
C ASP B 23 32.90 -38.95 -16.17
N LYS B 24 33.42 -37.87 -16.74
CA LYS B 24 34.65 -37.32 -16.24
C LYS B 24 34.53 -36.81 -14.81
N LEU B 25 33.43 -36.15 -14.47
CA LEU B 25 33.25 -35.61 -13.12
C LEU B 25 32.90 -36.67 -12.08
N THR B 26 33.50 -36.57 -10.90
CA THR B 26 33.28 -37.53 -9.82
C THR B 26 32.42 -37.06 -8.66
N LEU B 27 31.48 -37.90 -8.27
CA LEU B 27 30.55 -37.60 -7.19
C LEU B 27 31.27 -37.46 -5.86
N GLY B 28 30.73 -36.63 -4.98
CA GLY B 28 31.34 -36.42 -3.69
C GLY B 28 30.38 -36.05 -2.59
N LYS B 29 30.92 -35.90 -1.38
CA LYS B 29 30.12 -35.53 -0.24
C LYS B 29 29.52 -34.15 -0.47
N PRO B 30 28.26 -33.95 -0.06
CA PRO B 30 27.54 -32.70 -0.30
C PRO B 30 27.94 -31.54 0.55
N LEU B 31 28.18 -30.39 -0.07
CA LEU B 31 28.52 -29.17 0.66
C LEU B 31 27.26 -28.41 0.98
N GLY B 32 26.43 -28.97 1.85
CA GLY B 32 25.21 -28.30 2.25
C GLY B 32 24.04 -28.55 1.33
N GLU B 33 22.84 -28.58 1.90
CA GLU B 33 21.67 -28.75 1.07
C GLU B 33 20.81 -27.53 1.31
N GLY B 34 20.79 -26.64 0.34
CA GLY B 34 19.99 -25.44 0.49
C GLY B 34 18.53 -25.77 0.33
N CYS B 35 17.67 -24.94 0.89
CA CYS B 35 16.26 -25.19 0.73
C CYS B 35 15.88 -25.11 -0.76
N PHE B 36 16.39 -24.11 -1.46
CA PHE B 36 16.12 -23.97 -2.88
C PHE B 36 16.74 -25.04 -3.78
N GLY B 37 18.01 -25.35 -3.53
CA GLY B 37 18.75 -26.30 -4.34
C GLY B 37 19.86 -27.00 -3.57
N GLN B 38 20.38 -28.08 -4.12
CA GLN B 38 21.42 -28.84 -3.46
C GLN B 38 22.72 -28.82 -4.22
N VAL B 39 23.81 -28.59 -3.50
CA VAL B 39 25.12 -28.57 -4.09
C VAL B 39 25.92 -29.65 -3.45
N VAL B 40 26.60 -30.43 -4.28
CA VAL B 40 27.44 -31.52 -3.79
C VAL B 40 28.85 -31.37 -4.33
N MET B 41 29.85 -31.47 -3.47
CA MET B 41 31.25 -31.35 -3.88
C MET B 41 31.66 -32.37 -4.94
N ALA B 42 32.58 -32.00 -5.83
CA ALA B 42 33.01 -32.94 -6.85
C ALA B 42 34.43 -32.71 -7.32
N GLU B 43 35.07 -33.74 -7.84
CA GLU B 43 36.41 -33.54 -8.35
C GLU B 43 36.19 -33.62 -9.84
N ALA B 44 36.49 -32.54 -10.54
CA ALA B 44 36.29 -32.48 -11.97
C ALA B 44 37.51 -33.01 -12.69
N VAL B 45 37.39 -34.14 -13.35
CA VAL B 45 38.56 -34.64 -14.04
C VAL B 45 38.92 -33.84 -15.27
N GLY B 46 37.90 -33.58 -16.08
CA GLY B 46 38.00 -32.87 -17.35
C GLY B 46 38.41 -31.41 -17.46
N ILE B 47 37.97 -30.59 -16.51
CA ILE B 47 38.26 -29.16 -16.58
C ILE B 47 39.74 -28.91 -16.60
N ASP B 48 40.17 -27.97 -17.43
CA ASP B 48 41.58 -27.71 -17.55
C ASP B 48 42.07 -26.36 -17.06
N LYS B 49 42.87 -26.35 -15.98
CA LYS B 49 43.37 -25.10 -15.47
C LYS B 49 44.22 -24.53 -16.56
N ASP B 50 45.03 -25.40 -17.15
CA ASP B 50 45.87 -25.07 -18.30
C ASP B 50 46.08 -26.34 -19.11
N LYS B 51 44.97 -26.98 -19.47
CA LYS B 51 44.92 -28.20 -20.27
C LYS B 51 45.62 -29.40 -19.64
N PRO B 52 45.73 -29.40 -18.30
CA PRO B 52 46.34 -30.52 -17.62
C PRO B 52 45.57 -31.83 -17.75
N LYS B 53 44.25 -31.74 -17.70
CA LYS B 53 43.46 -32.97 -17.72
C LYS B 53 43.83 -33.72 -16.46
N GLU B 54 43.87 -32.97 -15.37
CA GLU B 54 44.16 -33.51 -14.05
C GLU B 54 42.96 -33.15 -13.17
N ALA B 55 42.73 -33.88 -12.08
CA ALA B 55 41.53 -33.63 -11.31
C ALA B 55 41.61 -32.32 -10.52
N VAL B 56 40.55 -31.52 -10.61
CA VAL B 56 40.46 -30.29 -9.86
C VAL B 56 39.17 -30.32 -9.08
N THR B 57 39.21 -29.89 -7.83
CA THR B 57 38.04 -29.87 -6.96
C THR B 57 37.02 -28.88 -7.48
N VAL B 58 35.73 -29.18 -7.30
CA VAL B 58 34.70 -28.29 -7.79
C VAL B 58 33.37 -28.42 -7.06
N ALA B 59 32.49 -27.46 -7.23
CA ALA B 59 31.19 -27.56 -6.59
C ALA B 59 30.16 -27.81 -7.67
N VAL B 60 29.39 -28.87 -7.52
CA VAL B 60 28.37 -29.18 -8.50
C VAL B 60 27.08 -28.69 -7.98
N LYS B 61 26.37 -27.87 -8.74
CA LYS B 61 25.08 -27.45 -8.21
C LYS B 61 23.98 -28.15 -8.96
N MET B 62 23.13 -28.85 -8.22
CA MET B 62 22.08 -29.64 -8.84
C MET B 62 20.72 -29.49 -8.18
N LEU B 63 19.66 -29.60 -8.98
CA LEU B 63 18.33 -29.52 -8.45
C LEU B 63 18.15 -30.77 -7.67
N LYS B 64 17.58 -30.67 -6.47
CA LYS B 64 17.27 -31.87 -5.74
C LYS B 64 15.96 -32.39 -6.31
N ASP B 65 15.70 -33.68 -6.16
CA ASP B 65 14.57 -34.26 -6.84
C ASP B 65 13.22 -33.65 -6.51
N ASP B 66 12.92 -33.41 -5.25
CA ASP B 66 11.65 -32.74 -4.99
C ASP B 66 11.98 -31.35 -5.47
N ALA B 67 11.18 -30.77 -6.35
CA ALA B 67 11.56 -29.44 -6.82
C ALA B 67 10.46 -28.48 -7.11
N THR B 68 10.79 -27.20 -6.95
CA THR B 68 9.87 -26.13 -7.25
C THR B 68 9.80 -26.03 -8.77
N GLU B 69 8.68 -25.60 -9.32
CA GLU B 69 8.61 -25.43 -10.76
C GLU B 69 9.61 -24.36 -11.15
N LYS B 70 9.61 -23.26 -10.39
CA LYS B 70 10.54 -22.15 -10.58
C LYS B 70 11.98 -22.59 -10.33
N ASP B 71 12.19 -23.51 -9.38
CA ASP B 71 13.55 -23.93 -9.02
C ASP B 71 14.31 -24.50 -10.21
N LEU B 72 13.67 -25.24 -11.09
CA LEU B 72 14.36 -25.70 -12.29
C LEU B 72 14.74 -24.49 -13.10
N SER B 73 13.82 -23.56 -13.26
CA SER B 73 14.06 -22.39 -14.04
C SER B 73 15.17 -21.55 -13.45
N ASP B 74 15.17 -21.39 -12.12
CA ASP B 74 16.19 -20.55 -11.52
C ASP B 74 17.56 -21.15 -11.75
N LEU B 75 17.70 -22.47 -11.62
CA LEU B 75 19.01 -23.05 -11.85
C LEU B 75 19.44 -22.86 -13.28
N VAL B 76 18.52 -23.02 -14.24
CA VAL B 76 18.86 -22.81 -15.64
C VAL B 76 19.25 -21.38 -15.85
N SER B 77 18.53 -20.45 -15.23
CA SER B 77 18.86 -19.04 -15.34
C SER B 77 20.23 -18.77 -14.78
N GLU B 78 20.59 -19.43 -13.68
CA GLU B 78 21.91 -19.21 -13.13
C GLU B 78 22.95 -19.62 -14.16
N MET B 79 22.80 -20.74 -14.84
CA MET B 79 23.80 -21.10 -15.81
C MET B 79 23.86 -20.07 -16.91
N GLU B 80 22.71 -19.66 -17.40
CA GLU B 80 22.64 -18.67 -18.46
C GLU B 80 23.18 -17.32 -18.04
N MET B 81 22.89 -16.91 -16.83
CA MET B 81 23.33 -15.61 -16.37
C MET B 81 24.82 -15.49 -16.28
N MET B 82 25.48 -16.52 -15.78
CA MET B 82 26.93 -16.51 -15.65
C MET B 82 27.74 -16.53 -16.94
N LYS B 83 27.27 -17.22 -17.97
CA LYS B 83 28.03 -17.24 -19.22
C LYS B 83 28.16 -15.83 -19.79
N MET B 84 27.09 -15.05 -19.67
CA MET B 84 27.07 -13.66 -20.13
C MET B 84 28.02 -12.76 -19.36
N ILE B 85 28.10 -12.96 -18.05
CA ILE B 85 28.95 -12.13 -17.19
C ILE B 85 30.45 -12.14 -17.46
N GLY B 86 30.99 -13.30 -17.79
CA GLY B 86 32.43 -13.36 -18.03
C GLY B 86 33.17 -13.62 -16.75
N LYS B 87 34.47 -13.39 -16.74
CA LYS B 87 35.28 -13.66 -15.55
C LYS B 87 35.87 -12.44 -14.88
N HIS B 88 35.71 -12.38 -13.56
CA HIS B 88 36.25 -11.30 -12.73
C HIS B 88 36.80 -11.97 -11.49
N LYS B 89 37.88 -11.46 -10.94
CA LYS B 89 38.44 -12.10 -9.76
C LYS B 89 37.57 -12.00 -8.53
N ASN B 90 36.62 -11.07 -8.53
CA ASN B 90 35.73 -10.92 -7.39
C ASN B 90 34.40 -11.65 -7.52
N ILE B 91 34.17 -12.35 -8.62
CA ILE B 91 32.92 -13.09 -8.78
C ILE B 91 33.22 -14.56 -9.03
N ILE B 92 32.30 -15.41 -8.59
CA ILE B 92 32.51 -16.84 -8.71
C ILE B 92 32.66 -17.26 -10.16
N ASN B 93 33.56 -18.22 -10.40
CA ASN B 93 33.82 -18.72 -11.73
C ASN B 93 32.71 -19.63 -12.23
N LEU B 94 32.74 -19.94 -13.52
CA LEU B 94 31.73 -20.84 -14.07
C LEU B 94 32.44 -21.87 -14.91
N LEU B 95 33.04 -22.85 -14.27
CA LEU B 95 33.82 -23.89 -14.92
C LEU B 95 33.09 -24.83 -15.86
N GLY B 96 31.90 -25.25 -15.48
CA GLY B 96 31.19 -26.18 -16.32
C GLY B 96 29.70 -26.37 -16.20
N ALA B 97 29.14 -27.03 -17.19
CA ALA B 97 27.74 -27.36 -17.18
C ALA B 97 27.61 -28.75 -17.73
N CYS B 98 26.57 -29.49 -17.36
CA CYS B 98 26.41 -30.83 -17.89
C CYS B 98 25.06 -30.88 -18.59
N THR B 99 24.77 -29.80 -19.29
CA THR B 99 23.47 -29.63 -19.91
C THR B 99 23.06 -30.70 -20.88
N GLN B 100 24.01 -31.22 -21.64
CA GLN B 100 23.64 -32.19 -22.66
C GLN B 100 22.95 -33.47 -22.20
N ASP B 101 23.39 -34.08 -21.12
CA ASP B 101 22.73 -35.32 -20.71
C ASP B 101 22.34 -35.50 -19.26
N GLY B 102 21.23 -36.20 -19.06
CA GLY B 102 20.67 -36.48 -17.76
C GLY B 102 20.09 -35.25 -17.10
N PRO B 103 20.11 -35.22 -15.77
CA PRO B 103 19.60 -34.09 -15.01
C PRO B 103 20.63 -32.98 -15.11
N LEU B 104 20.18 -31.73 -15.04
CA LEU B 104 21.11 -30.62 -15.16
C LEU B 104 22.09 -30.64 -14.02
N TYR B 105 23.36 -30.48 -14.35
CA TYR B 105 24.43 -30.40 -13.39
C TYR B 105 25.16 -29.13 -13.76
N VAL B 106 25.43 -28.26 -12.81
CA VAL B 106 26.15 -27.03 -13.13
C VAL B 106 27.43 -27.11 -12.33
N ILE B 107 28.57 -26.93 -12.99
CA ILE B 107 29.84 -27.00 -12.33
C ILE B 107 30.44 -25.63 -12.08
N VAL B 108 30.54 -25.26 -10.82
CA VAL B 108 31.05 -23.95 -10.43
C VAL B 108 32.25 -24.09 -9.50
N GLU B 109 33.22 -23.18 -9.58
CA GLU B 109 34.41 -23.28 -8.75
C GLU B 109 34.10 -23.22 -7.27
N TYR B 110 34.93 -23.94 -6.52
CA TYR B 110 34.79 -24.10 -5.10
C TYR B 110 35.52 -23.07 -4.23
N ALA B 111 34.90 -22.69 -3.11
CA ALA B 111 35.53 -21.79 -2.17
C ALA B 111 35.82 -22.55 -0.90
N SER B 112 37.10 -22.68 -0.58
CA SER B 112 37.54 -23.43 0.59
C SER B 112 37.07 -22.91 1.93
N LYS B 113 37.24 -21.60 2.08
CA LYS B 113 36.89 -20.82 3.27
C LYS B 113 35.39 -20.77 3.49
N GLY B 114 34.63 -20.85 2.42
CA GLY B 114 33.20 -20.81 2.52
C GLY B 114 32.60 -19.44 2.33
N ASN B 115 31.29 -19.35 2.52
CA ASN B 115 30.53 -18.12 2.34
C ASN B 115 30.86 -17.08 3.39
N LEU B 116 30.84 -15.81 3.00
CA LEU B 116 31.21 -14.74 3.91
C LEU B 116 30.38 -14.59 5.16
N ARG B 117 29.06 -14.75 5.11
CA ARG B 117 28.25 -14.56 6.33
C ARG B 117 28.66 -15.47 7.44
N GLU B 118 28.90 -16.74 7.16
CA GLU B 118 29.29 -17.60 8.26
C GLU B 118 30.80 -17.58 8.43
N TYR B 119 31.50 -16.98 7.49
CA TYR B 119 32.94 -16.82 7.57
C TYR B 119 33.21 -15.87 8.71
N LEU B 120 32.35 -14.88 8.83
CA LEU B 120 32.53 -13.89 9.89
C LEU B 120 32.00 -14.36 11.22
N ARG B 121 30.86 -15.06 11.22
CA ARG B 121 30.32 -15.49 12.49
C ARG B 121 31.31 -16.41 13.21
N ALA B 122 31.98 -17.30 12.48
CA ALA B 122 32.91 -18.24 13.10
C ALA B 122 34.19 -17.59 13.58
N ARG B 123 34.42 -16.33 13.24
CA ARG B 123 35.56 -15.58 13.74
C ARG B 123 35.21 -14.54 14.80
N ARG B 124 34.05 -14.67 15.45
CA ARG B 124 33.68 -13.74 16.51
C ARG B 124 34.42 -14.07 17.79
N GLU B 140 39.57 -17.23 16.00
CA GLU B 140 40.43 -16.66 14.98
C GLU B 140 40.47 -15.14 15.16
N GLN B 141 41.37 -14.48 14.44
CA GLN B 141 41.47 -13.04 14.54
C GLN B 141 41.39 -12.31 13.22
N MET B 142 40.57 -11.28 13.17
CA MET B 142 40.42 -10.45 11.98
C MET B 142 40.67 -8.99 12.26
N THR B 143 41.61 -8.42 11.53
CA THR B 143 42.01 -7.04 11.72
C THR B 143 40.93 -6.13 11.19
N PHE B 144 40.88 -4.91 11.65
CA PHE B 144 39.82 -4.06 11.19
C PHE B 144 39.93 -3.88 9.72
N LYS B 145 41.11 -3.64 9.22
CA LYS B 145 41.24 -3.40 7.79
C LYS B 145 40.84 -4.60 6.98
N ASP B 146 41.27 -5.78 7.39
CA ASP B 146 40.85 -6.93 6.62
C ASP B 146 39.37 -6.84 6.35
N LEU B 147 38.59 -6.39 7.33
CA LEU B 147 37.16 -6.23 7.16
C LEU B 147 36.85 -5.21 6.08
N VAL B 148 37.63 -4.13 6.04
CA VAL B 148 37.48 -3.13 4.99
C VAL B 148 37.81 -3.74 3.65
N SER B 149 38.83 -4.59 3.61
CA SER B 149 39.23 -5.18 2.36
C SER B 149 38.09 -5.97 1.77
N CYS B 150 37.40 -6.77 2.56
CA CYS B 150 36.30 -7.54 1.99
C CYS B 150 35.21 -6.60 1.48
N THR B 151 34.89 -5.57 2.25
CA THR B 151 33.89 -4.59 1.83
C THR B 151 34.36 -3.85 0.63
N TYR B 152 35.65 -3.52 0.61
CA TYR B 152 36.20 -2.87 -0.55
C TYR B 152 36.12 -3.82 -1.69
N GLN B 153 36.49 -5.07 -1.46
CA GLN B 153 36.43 -6.00 -2.57
C GLN B 153 35.03 -6.23 -3.05
N LEU B 154 34.06 -6.55 -2.19
CA LEU B 154 32.71 -6.86 -2.67
C LEU B 154 32.08 -5.73 -3.47
N ALA B 155 32.81 -4.63 -3.48
CA ALA B 155 32.49 -3.41 -4.22
C ALA B 155 33.17 -3.42 -5.56
N ARG B 156 34.40 -3.89 -5.65
CA ARG B 156 35.04 -3.96 -6.94
C ARG B 156 34.29 -4.95 -7.81
N GLY B 157 33.92 -6.08 -7.24
CA GLY B 157 33.21 -7.10 -7.97
C GLY B 157 31.88 -6.59 -8.44
N MET B 158 31.17 -5.87 -7.58
CA MET B 158 29.88 -5.35 -7.96
C MET B 158 30.03 -4.39 -9.11
N GLU B 159 31.09 -3.58 -9.11
CA GLU B 159 31.26 -2.60 -10.17
C GLU B 159 31.36 -3.28 -11.50
N TYR B 160 32.13 -4.35 -11.60
CA TYR B 160 32.20 -5.04 -12.86
C TYR B 160 30.85 -5.64 -13.18
N LEU B 161 30.20 -6.23 -12.19
CA LEU B 161 28.91 -6.84 -12.42
C LEU B 161 27.92 -5.81 -12.89
N ALA B 162 27.91 -4.63 -12.31
CA ALA B 162 26.97 -3.65 -12.78
C ALA B 162 27.50 -2.90 -14.00
N SER B 163 28.72 -3.14 -14.42
CA SER B 163 29.21 -2.48 -15.61
C SER B 163 28.98 -3.33 -16.83
N GLN B 164 28.43 -4.50 -16.60
CA GLN B 164 28.10 -5.45 -17.65
C GLN B 164 26.60 -5.41 -17.91
N LYS B 165 25.97 -4.32 -17.49
CA LYS B 165 24.54 -4.11 -17.62
C LYS B 165 23.71 -5.17 -16.97
N CYS B 166 24.03 -5.49 -15.74
CA CYS B 166 23.30 -6.49 -14.99
C CYS B 166 23.01 -6.02 -13.60
N ILE B 167 21.99 -6.60 -12.99
CA ILE B 167 21.68 -6.30 -11.62
C ILE B 167 21.74 -7.67 -10.98
N HIS B 168 22.56 -7.83 -9.96
CA HIS B 168 22.65 -9.11 -9.31
C HIS B 168 21.33 -9.47 -8.64
N ARG B 169 20.75 -8.47 -7.99
CA ARG B 169 19.44 -8.46 -7.30
C ARG B 169 19.35 -9.16 -5.98
N ASP B 170 20.42 -9.77 -5.54
CA ASP B 170 20.36 -10.50 -4.29
C ASP B 170 21.55 -10.34 -3.42
N LEU B 171 22.23 -9.20 -3.49
CA LEU B 171 23.46 -9.05 -2.75
C LEU B 171 23.20 -9.14 -1.27
N ALA B 172 23.96 -10.00 -0.62
CA ALA B 172 23.89 -10.21 0.81
C ALA B 172 25.17 -10.92 1.23
N ALA B 173 25.55 -10.85 2.49
CA ALA B 173 26.76 -11.52 2.89
C ALA B 173 26.64 -13.00 2.67
N ARG B 174 25.52 -13.58 3.05
CA ARG B 174 25.29 -15.02 2.92
C ARG B 174 25.57 -15.54 1.53
N ASN B 175 25.62 -14.65 0.56
CA ASN B 175 25.96 -15.05 -0.81
C ASN B 175 27.28 -14.60 -1.37
N VAL B 176 28.17 -14.07 -0.56
CA VAL B 176 29.47 -13.68 -1.06
C VAL B 176 30.32 -14.81 -0.58
N LEU B 177 31.02 -15.52 -1.44
CA LEU B 177 31.83 -16.65 -1.03
C LEU B 177 33.29 -16.34 -1.00
N VAL B 178 33.94 -16.71 0.10
CA VAL B 178 35.35 -16.47 0.33
C VAL B 178 36.15 -17.68 -0.09
N THR B 179 37.18 -17.47 -0.90
CA THR B 179 38.03 -18.56 -1.36
C THR B 179 39.13 -18.84 -0.38
N GLU B 180 39.85 -19.93 -0.61
CA GLU B 180 40.97 -20.25 0.23
C GLU B 180 41.97 -19.19 -0.21
N ASN B 181 42.61 -18.54 0.78
CA ASN B 181 43.54 -17.36 0.72
C ASN B 181 42.76 -16.05 0.76
N ASN B 182 41.47 -16.18 1.06
CA ASN B 182 40.52 -15.08 1.22
C ASN B 182 40.20 -14.06 0.14
N VAL B 183 39.97 -14.49 -1.09
CA VAL B 183 39.62 -13.56 -2.16
C VAL B 183 38.13 -13.67 -2.34
N MET B 184 37.38 -12.62 -1.98
CA MET B 184 35.91 -12.59 -2.07
C MET B 184 35.27 -12.85 -3.44
N LYS B 185 34.37 -13.83 -3.51
CA LYS B 185 33.71 -14.16 -4.75
C LYS B 185 32.19 -14.10 -4.60
N ILE B 186 31.51 -13.30 -5.41
CA ILE B 186 30.05 -13.19 -5.31
C ILE B 186 29.34 -14.44 -5.81
N ALA B 187 28.15 -14.74 -5.31
CA ALA B 187 27.41 -15.95 -5.75
C ALA B 187 25.89 -15.82 -5.95
N ASP B 188 25.22 -16.95 -6.15
CA ASP B 188 23.77 -16.96 -6.36
C ASP B 188 23.33 -16.00 -7.42
N PHE B 189 23.99 -16.09 -8.58
CA PHE B 189 23.73 -15.27 -9.75
C PHE B 189 22.48 -15.62 -10.51
N GLY B 190 21.83 -16.73 -10.20
CA GLY B 190 20.66 -17.12 -10.94
C GLY B 190 19.54 -16.12 -10.89
N LEU B 191 19.30 -15.49 -9.76
CA LEU B 191 18.24 -14.50 -9.74
C LEU B 191 18.45 -13.24 -10.56
N ALA B 192 19.65 -12.66 -10.55
CA ALA B 192 19.84 -11.40 -11.25
C ALA B 192 19.57 -11.44 -12.73
N ARG B 193 18.86 -10.43 -13.20
CA ARG B 193 18.43 -10.31 -14.60
C ARG B 193 19.14 -9.22 -15.37
N ASP B 194 19.26 -9.42 -16.67
CA ASP B 194 19.91 -8.47 -17.54
C ASP B 194 19.09 -7.20 -17.52
N ILE B 195 19.77 -6.07 -17.44
CA ILE B 195 19.15 -4.76 -17.43
C ILE B 195 19.74 -3.99 -18.58
N ASN B 196 20.21 -4.65 -19.62
CA ASN B 196 20.95 -3.88 -20.62
C ASN B 196 20.32 -2.75 -21.41
N ASN B 197 19.11 -2.88 -21.93
CA ASN B 197 18.56 -1.71 -22.62
C ASN B 197 17.34 -1.07 -21.97
N ILE B 198 16.72 -1.78 -21.04
CA ILE B 198 15.59 -1.27 -20.28
C ILE B 198 15.85 -1.70 -18.86
N ASP B 199 15.65 -0.81 -17.89
CA ASP B 199 15.98 -1.11 -16.50
C ASP B 199 15.01 -1.82 -15.56
N TYR B 201 11.68 -2.95 -15.33
CA TYR B 201 10.43 -2.27 -15.03
C TYR B 201 9.68 -3.19 -14.05
N LYS B 202 8.55 -2.74 -13.51
CA LYS B 202 7.88 -3.51 -12.46
C LYS B 202 7.10 -4.78 -12.82
N LYS B 203 7.74 -5.71 -13.49
CA LYS B 203 7.15 -6.97 -13.86
C LYS B 203 6.89 -7.85 -12.65
N THR B 204 7.85 -7.82 -11.74
CA THR B 204 7.87 -8.70 -10.58
C THR B 204 6.72 -8.65 -9.59
N THR B 205 6.37 -9.82 -9.07
CA THR B 205 5.29 -10.05 -8.11
C THR B 205 5.72 -10.04 -6.65
N ASN B 206 6.95 -9.59 -6.41
CA ASN B 206 7.55 -9.41 -5.08
C ASN B 206 7.92 -10.67 -4.30
N GLY B 207 8.01 -11.80 -4.98
CA GLY B 207 8.45 -13.01 -4.32
C GLY B 207 9.95 -13.22 -4.49
N ARG B 208 10.57 -12.31 -5.22
CA ARG B 208 11.97 -12.38 -5.53
C ARG B 208 13.01 -12.32 -4.42
N LEU B 209 12.82 -11.46 -3.43
CA LEU B 209 13.88 -11.29 -2.44
C LEU B 209 13.48 -11.05 -0.97
N PRO B 210 14.39 -11.37 -0.05
CA PRO B 210 14.16 -11.18 1.38
C PRO B 210 13.94 -9.73 1.66
N VAL B 211 12.96 -9.41 2.49
CA VAL B 211 12.66 -8.03 2.77
C VAL B 211 13.75 -7.25 3.46
N LYS B 212 14.44 -7.88 4.40
CA LYS B 212 15.45 -7.14 5.14
C LYS B 212 16.58 -6.58 4.29
N TRP B 213 17.03 -7.32 3.29
CA TRP B 213 18.12 -6.87 2.42
C TRP B 213 17.63 -6.21 1.16
N MET B 214 16.34 -5.97 1.04
CA MET B 214 15.85 -5.36 -0.18
C MET B 214 15.86 -3.83 -0.15
N ALA B 215 15.77 -3.25 -1.33
CA ALA B 215 15.69 -1.82 -1.49
C ALA B 215 14.25 -1.39 -1.28
N PRO B 216 14.03 -0.10 -1.06
CA PRO B 216 12.64 0.29 -0.86
C PRO B 216 11.93 0.35 -2.19
N GLU B 217 12.56 0.85 -3.23
CA GLU B 217 11.89 0.95 -4.52
C GLU B 217 11.47 -0.41 -5.01
N ALA B 218 12.31 -1.41 -4.88
CA ALA B 218 11.91 -2.75 -5.27
C ALA B 218 10.78 -3.19 -4.37
N LEU B 219 10.89 -2.93 -3.07
CA LEU B 219 9.85 -3.33 -2.14
C LEU B 219 8.55 -2.65 -2.45
N PHE B 220 8.60 -1.35 -2.71
CA PHE B 220 7.37 -0.62 -2.93
C PHE B 220 7.02 -0.30 -4.38
N ASP B 221 7.89 0.37 -5.08
CA ASP B 221 7.57 0.69 -6.44
C ASP B 221 7.44 -0.52 -7.34
N ARG B 222 8.23 -1.59 -7.10
CA ARG B 222 8.46 -2.83 -7.87
C ARG B 222 9.47 -2.65 -8.98
N VAL B 223 10.25 -1.57 -8.93
CA VAL B 223 11.26 -1.32 -9.94
C VAL B 223 12.61 -1.55 -9.33
N TYR B 224 13.53 -2.12 -10.09
CA TYR B 224 14.87 -2.37 -9.62
C TYR B 224 15.80 -1.80 -10.64
N THR B 225 16.79 -1.04 -10.19
CA THR B 225 17.76 -0.46 -11.10
C THR B 225 19.15 -0.86 -10.61
N HIS B 226 20.19 -0.29 -11.19
CA HIS B 226 21.51 -0.59 -10.72
C HIS B 226 21.69 -0.13 -9.29
N GLN B 227 21.11 1.02 -8.98
CA GLN B 227 21.22 1.62 -7.67
C GLN B 227 20.67 0.74 -6.60
N SER B 228 19.64 -0.05 -6.86
CA SER B 228 19.14 -0.91 -5.79
C SER B 228 20.15 -1.93 -5.25
N ASP B 229 21.08 -2.38 -6.08
CA ASP B 229 22.16 -3.22 -5.58
C ASP B 229 22.93 -2.40 -4.52
N VAL B 230 23.17 -1.10 -4.73
CA VAL B 230 23.83 -0.30 -3.70
C VAL B 230 23.00 -0.20 -2.42
N TRP B 231 21.67 -0.17 -2.48
CA TRP B 231 20.92 -0.17 -1.23
C TRP B 231 21.12 -1.50 -0.53
N SER B 232 21.12 -2.59 -1.30
CA SER B 232 21.40 -3.93 -0.79
C SER B 232 22.83 -4.00 -0.29
N PHE B 233 23.74 -3.35 -1.01
CA PHE B 233 25.16 -3.32 -0.66
C PHE B 233 25.38 -2.67 0.68
N GLY B 234 24.62 -1.66 1.03
CA GLY B 234 24.77 -1.06 2.34
C GLY B 234 24.50 -2.09 3.42
N VAL B 235 23.44 -2.88 3.27
CA VAL B 235 23.18 -3.90 4.26
C VAL B 235 24.33 -4.87 4.29
N LEU B 236 24.92 -5.12 3.12
CA LEU B 236 26.10 -5.99 3.01
C LEU B 236 27.27 -5.36 3.76
N MET B 237 27.40 -4.04 3.72
CA MET B 237 28.41 -3.38 4.50
C MET B 237 28.08 -3.62 5.99
N TRP B 238 26.81 -3.52 6.37
CA TRP B 238 26.45 -3.75 7.75
C TRP B 238 26.75 -5.16 8.17
N GLU B 239 26.42 -6.13 7.35
CA GLU B 239 26.69 -7.50 7.76
C GLU B 239 28.17 -7.74 7.93
N ILE B 240 28.96 -7.28 6.98
CA ILE B 240 30.38 -7.48 7.04
C ILE B 240 30.99 -6.77 8.22
N PHE B 241 30.57 -5.55 8.44
CA PHE B 241 31.10 -4.76 9.53
C PHE B 241 30.80 -5.17 10.95
N THR B 242 29.61 -5.68 11.19
CA THR B 242 29.26 -6.12 12.53
C THR B 242 29.30 -7.61 12.64
N LEU B 243 30.34 -8.20 12.08
CA LEU B 243 30.56 -9.62 12.15
C LEU B 243 29.44 -10.55 11.70
N GLY B 244 28.96 -10.37 10.48
CA GLY B 244 27.92 -11.25 9.98
C GLY B 244 26.66 -11.31 10.80
N GLY B 245 26.19 -10.15 11.24
CA GLY B 245 24.99 -10.06 12.05
C GLY B 245 23.76 -9.73 11.24
N SER B 246 22.61 -10.22 11.71
CA SER B 246 21.34 -9.97 11.05
C SER B 246 20.97 -8.49 11.07
N PRO B 247 20.42 -8.00 9.89
CA PRO B 247 20.05 -6.58 9.94
C PRO B 247 18.62 -6.37 10.43
N TYR B 248 18.29 -5.15 10.83
CA TYR B 248 16.96 -4.86 11.31
C TYR B 248 16.66 -5.83 12.42
N PRO B 249 17.72 -6.02 13.31
CA PRO B 249 17.43 -6.98 14.38
C PRO B 249 16.43 -6.44 15.38
N GLY B 250 15.59 -7.31 15.91
CA GLY B 250 14.59 -6.93 16.88
C GLY B 250 13.40 -6.30 16.20
N ILE B 251 13.39 -6.35 14.88
CA ILE B 251 12.29 -5.78 14.13
C ILE B 251 11.71 -6.84 13.24
N PRO B 252 10.42 -7.12 13.42
CA PRO B 252 9.72 -8.12 12.62
C PRO B 252 9.58 -7.60 11.22
N VAL B 253 9.53 -8.51 10.25
CA VAL B 253 9.42 -8.10 8.87
C VAL B 253 8.17 -7.29 8.61
N GLU B 254 7.05 -7.71 9.20
CA GLU B 254 5.79 -7.00 9.03
C GLU B 254 5.93 -5.54 9.40
N GLU B 255 6.54 -5.28 10.56
CA GLU B 255 6.75 -3.93 11.07
C GLU B 255 7.79 -3.15 10.28
N LEU B 256 8.72 -3.84 9.66
CA LEU B 256 9.78 -3.19 8.90
C LEU B 256 9.28 -2.19 7.88
N PHE B 257 8.26 -2.55 7.13
CA PHE B 257 7.76 -1.65 6.11
C PHE B 257 7.30 -0.34 6.69
N LYS B 258 6.67 -0.36 7.85
CA LYS B 258 6.11 0.85 8.40
C LYS B 258 7.14 1.90 8.62
N LEU B 259 8.30 1.56 9.14
CA LEU B 259 9.27 2.62 9.33
C LEU B 259 10.21 2.85 8.16
N LEU B 260 10.16 2.03 7.12
CA LEU B 260 11.00 2.33 5.97
C LEU B 260 10.56 3.63 5.32
N LYS B 261 9.24 3.85 5.25
CA LYS B 261 8.71 5.11 4.76
C LYS B 261 9.12 6.22 5.74
N GLU B 262 9.11 5.87 7.02
CA GLU B 262 9.49 6.78 8.09
C GLU B 262 10.95 7.16 7.92
N GLY B 263 11.74 6.22 7.41
CA GLY B 263 13.15 6.45 7.17
C GLY B 263 14.11 6.06 8.27
N HIS B 264 13.60 5.46 9.34
CA HIS B 264 14.46 5.03 10.42
C HIS B 264 15.41 3.97 9.85
N ARG B 265 16.68 4.05 10.20
CA ARG B 265 17.66 3.10 9.68
C ARG B 265 18.51 2.50 10.78
N MET B 266 19.05 1.32 10.53
CA MET B 266 19.85 0.63 11.54
C MET B 266 21.05 1.47 11.90
N ASP B 267 21.37 1.50 13.19
CA ASP B 267 22.48 2.28 13.68
C ASP B 267 23.83 1.65 13.38
N LYS B 268 24.85 2.48 13.41
CA LYS B 268 26.22 2.06 13.14
C LYS B 268 26.65 0.95 14.06
N PRO B 269 27.21 -0.11 13.48
CA PRO B 269 27.66 -1.25 14.26
C PRO B 269 28.85 -0.83 15.08
N ALA B 270 29.02 -1.45 16.23
CA ALA B 270 30.11 -1.12 17.10
C ALA B 270 31.42 -1.43 16.40
N ASN B 271 32.41 -0.58 16.67
CA ASN B 271 33.74 -0.63 16.07
C ASN B 271 33.77 -0.46 14.55
N CYS B 272 33.02 0.52 14.08
CA CYS B 272 33.00 0.85 12.68
C CYS B 272 33.30 2.32 12.69
N THR B 273 34.21 2.73 11.83
CA THR B 273 34.60 4.11 11.73
C THR B 273 33.45 4.90 11.17
N ASN B 274 33.36 6.16 11.53
CA ASN B 274 32.27 6.98 11.02
C ASN B 274 32.29 7.10 9.52
N GLU B 275 33.47 7.20 8.91
CA GLU B 275 33.59 7.36 7.47
C GLU B 275 32.94 6.20 6.75
N LEU B 276 33.13 4.98 7.22
CA LEU B 276 32.43 3.87 6.62
C LEU B 276 30.94 4.05 6.91
N TYR B 277 30.58 4.45 8.12
CA TYR B 277 29.19 4.61 8.44
C TYR B 277 28.54 5.67 7.59
N MET B 278 29.23 6.78 7.33
CA MET B 278 28.66 7.83 6.45
C MET B 278 28.47 7.27 5.04
N MET B 279 29.42 6.46 4.59
CA MET B 279 29.25 5.77 3.35
C MET B 279 28.06 4.82 3.47
N MET B 280 27.91 4.13 4.59
CA MET B 280 26.78 3.23 4.71
C MET B 280 25.50 4.01 4.63
N ARG B 281 25.38 5.12 5.33
CA ARG B 281 24.14 5.87 5.30
C ARG B 281 23.94 6.38 3.91
N ASP B 282 25.02 6.74 3.23
CA ASP B 282 24.91 7.18 1.87
C ASP B 282 24.23 6.14 1.01
N CYS B 283 24.62 4.87 1.14
CA CYS B 283 23.99 3.82 0.36
C CYS B 283 22.49 3.82 0.64
N TRP B 284 22.11 4.10 1.87
CA TRP B 284 20.72 4.02 2.30
C TRP B 284 19.84 5.19 1.92
N HIS B 285 20.28 5.97 0.93
CA HIS B 285 19.53 7.13 0.50
C HIS B 285 18.17 6.72 0.04
N ALA B 286 17.18 7.55 0.36
CA ALA B 286 15.80 7.31 -0.03
C ALA B 286 15.64 7.36 -1.53
N VAL B 287 16.35 8.28 -2.18
CA VAL B 287 16.27 8.45 -3.62
C VAL B 287 17.33 7.62 -4.31
N PRO B 288 16.89 6.70 -5.18
CA PRO B 288 17.79 5.78 -5.87
C PRO B 288 18.78 6.50 -6.75
N SER B 289 18.33 7.56 -7.40
CA SER B 289 19.14 8.34 -8.30
C SER B 289 20.34 8.98 -7.60
N GLN B 290 20.17 9.40 -6.36
CA GLN B 290 21.23 10.02 -5.58
C GLN B 290 22.08 9.07 -4.75
N ARG B 291 21.83 7.77 -4.83
CA ARG B 291 22.63 6.84 -4.06
C ARG B 291 24.00 6.82 -4.68
N PRO B 292 25.02 6.50 -3.88
CA PRO B 292 26.36 6.52 -4.44
C PRO B 292 26.48 5.52 -5.55
N THR B 293 27.13 5.91 -6.63
CA THR B 293 27.28 5.06 -7.79
C THR B 293 28.20 3.93 -7.45
N PHE B 294 28.05 2.80 -8.13
CA PHE B 294 28.95 1.68 -7.86
C PHE B 294 30.40 2.03 -8.15
N LYS B 295 30.67 2.83 -9.16
CA LYS B 295 32.02 3.31 -9.40
C LYS B 295 32.48 4.18 -8.21
N GLN B 296 31.60 4.99 -7.63
CA GLN B 296 32.01 5.78 -6.48
C GLN B 296 32.40 4.88 -5.35
N LEU B 297 31.62 3.84 -5.10
CA LEU B 297 31.94 2.94 -3.99
C LEU B 297 33.28 2.30 -4.20
N VAL B 298 33.58 1.88 -5.42
CA VAL B 298 34.88 1.32 -5.69
C VAL B 298 35.93 2.39 -5.49
N GLU B 299 35.67 3.61 -5.97
CA GLU B 299 36.61 4.69 -5.84
C GLU B 299 36.91 5.19 -4.41
N ASP B 300 35.88 5.33 -3.58
CA ASP B 300 36.07 5.81 -2.21
C ASP B 300 36.88 4.87 -1.35
N LEU B 301 36.41 3.64 -1.28
CA LEU B 301 37.03 2.62 -0.48
C LEU B 301 38.47 2.50 -0.85
N ASP B 302 38.78 2.74 -2.12
CA ASP B 302 40.17 2.66 -2.55
C ASP B 302 40.95 3.73 -1.81
N ARG B 303 40.36 4.90 -1.64
CA ARG B 303 41.03 5.97 -0.91
C ARG B 303 41.04 5.65 0.57
N ILE B 304 39.90 5.17 1.08
CA ILE B 304 39.78 4.86 2.48
C ILE B 304 40.71 3.77 2.93
N LEU B 305 40.85 2.77 2.10
CA LEU B 305 41.70 1.63 2.42
C LEU B 305 43.16 1.99 2.37
N THR B 306 43.50 2.94 1.50
CA THR B 306 44.88 3.37 1.31
C THR B 306 45.50 3.98 2.55
N LEU B 307 44.72 4.66 3.37
CA LEU B 307 45.28 5.31 4.53
C LEU B 307 45.97 4.33 5.46
N THR B 308 45.38 3.17 5.72
CA THR B 308 46.06 2.25 6.62
C THR B 308 46.24 0.84 6.05
N GLU C 11 -9.10 -6.23 1.59
CA GLU C 11 -8.06 -5.27 1.92
C GLU C 11 -8.34 -4.75 3.31
N LEU C 12 -9.62 -4.49 3.58
CA LEU C 12 -10.06 -4.00 4.86
C LEU C 12 -10.89 -5.10 5.51
N PRO C 13 -10.64 -5.36 6.78
CA PRO C 13 -11.33 -6.44 7.49
C PRO C 13 -12.80 -6.16 7.46
N GLU C 14 -13.59 -7.17 7.17
CA GLU C 14 -15.01 -6.93 7.08
C GLU C 14 -15.77 -7.30 8.34
N ASP C 15 -16.49 -6.34 8.90
CA ASP C 15 -17.27 -6.57 10.08
C ASP C 15 -18.59 -7.09 9.55
N PRO C 16 -19.00 -8.27 10.01
CA PRO C 16 -20.22 -8.96 9.58
C PRO C 16 -21.50 -8.22 9.88
N LYS C 17 -21.59 -7.57 11.02
CA LYS C 17 -22.80 -6.84 11.35
C LYS C 17 -23.07 -5.67 10.41
N TRP C 18 -22.05 -4.85 10.23
CA TRP C 18 -22.07 -3.68 9.34
C TRP C 18 -22.10 -3.88 7.83
N GLU C 19 -21.42 -4.90 7.33
CA GLU C 19 -21.34 -5.08 5.88
C GLU C 19 -22.67 -5.29 5.19
N PHE C 20 -22.82 -4.61 4.06
CA PHE C 20 -23.99 -4.66 3.21
C PHE C 20 -23.44 -5.02 1.84
N PRO C 21 -24.04 -6.00 1.18
CA PRO C 21 -23.58 -6.45 -0.13
C PRO C 21 -23.69 -5.39 -1.19
N ARG C 22 -22.67 -5.27 -2.02
CA ARG C 22 -22.66 -4.26 -3.05
C ARG C 22 -23.80 -4.44 -4.01
N ASP C 23 -24.09 -5.68 -4.40
CA ASP C 23 -25.16 -5.89 -5.36
C ASP C 23 -26.50 -5.37 -4.89
N LYS C 24 -26.76 -5.50 -3.60
CA LYS C 24 -28.03 -5.11 -3.05
C LYS C 24 -28.35 -3.63 -3.19
N LEU C 25 -27.35 -2.77 -3.03
CA LEU C 25 -27.62 -1.34 -3.09
C LEU C 25 -27.36 -0.70 -4.45
N THR C 26 -28.42 -0.25 -5.11
CA THR C 26 -28.26 0.37 -6.42
C THR C 26 -27.51 1.67 -6.20
N LEU C 27 -26.63 2.03 -7.13
CA LEU C 27 -25.78 3.19 -6.90
C LEU C 27 -26.48 4.52 -6.68
N GLY C 28 -27.52 4.81 -7.43
CA GLY C 28 -28.17 6.08 -7.22
C GLY C 28 -27.43 7.27 -7.80
N LYS C 29 -27.80 8.47 -7.32
CA LYS C 29 -27.25 9.73 -7.81
C LYS C 29 -26.77 10.63 -6.68
N PRO C 30 -26.00 11.68 -7.02
CA PRO C 30 -25.40 12.62 -6.08
C PRO C 30 -26.39 13.41 -5.27
N LEU C 31 -26.01 13.66 -4.02
CA LEU C 31 -26.81 14.42 -3.07
C LEU C 31 -25.91 15.43 -2.37
N GLY C 32 -25.61 16.53 -3.04
CA GLY C 32 -24.76 17.56 -2.47
C GLY C 32 -23.30 17.18 -2.53
N GLU C 33 -22.42 18.12 -2.18
CA GLU C 33 -21.02 17.80 -2.21
C GLU C 33 -20.23 18.54 -1.16
N GLY C 34 -19.10 17.96 -0.77
CA GLY C 34 -18.21 18.53 0.21
C GLY C 34 -16.81 18.40 -0.35
N CYS C 35 -15.93 19.31 0.04
CA CYS C 35 -14.56 19.25 -0.44
C CYS C 35 -13.83 18.01 0.03
N PHE C 36 -13.99 17.65 1.30
CA PHE C 36 -13.31 16.47 1.82
C PHE C 36 -13.75 15.08 1.29
N GLY C 37 -15.06 14.84 1.26
CA GLY C 37 -15.60 13.57 0.78
C GLY C 37 -16.88 13.76 -0.01
N GLN C 38 -17.38 12.69 -0.64
CA GLN C 38 -18.61 12.81 -1.44
C GLN C 38 -19.74 11.93 -0.97
N VAL C 39 -20.93 12.50 -0.85
CA VAL C 39 -22.07 11.69 -0.41
C VAL C 39 -23.10 11.65 -1.53
N VAL C 40 -23.58 10.45 -1.84
CA VAL C 40 -24.56 10.26 -2.91
C VAL C 40 -25.73 9.39 -2.50
N MET C 41 -26.94 9.88 -2.72
CA MET C 41 -28.18 9.20 -2.38
C MET C 41 -28.40 7.91 -3.14
N ALA C 42 -28.95 6.90 -2.48
CA ALA C 42 -29.14 5.62 -3.14
C ALA C 42 -30.29 4.77 -2.61
N GLU C 43 -30.81 3.88 -3.44
CA GLU C 43 -31.88 3.02 -2.98
C GLU C 43 -31.17 1.77 -2.49
N ALA C 44 -31.20 1.56 -1.18
CA ALA C 44 -30.55 0.42 -0.58
C ALA C 44 -31.58 -0.57 -0.15
N VAL C 45 -31.72 -1.67 -0.88
CA VAL C 45 -32.73 -2.63 -0.51
C VAL C 45 -32.34 -3.21 0.82
N GLY C 46 -33.31 -3.39 1.69
CA GLY C 46 -33.04 -3.95 2.99
C GLY C 46 -32.50 -2.93 3.97
N ILE C 47 -32.21 -3.39 5.17
CA ILE C 47 -31.69 -2.54 6.20
C ILE C 47 -30.96 -3.43 7.18
N LYS C 51 -34.89 -4.37 10.53
CA LYS C 51 -34.98 -5.55 9.68
C LYS C 51 -36.28 -5.57 8.88
N PRO C 52 -36.56 -4.45 8.21
CA PRO C 52 -37.75 -4.20 7.38
C PRO C 52 -37.88 -5.14 6.20
N LYS C 53 -36.76 -5.50 5.59
CA LYS C 53 -36.70 -6.35 4.39
C LYS C 53 -37.46 -5.71 3.21
N GLU C 54 -37.29 -4.41 3.10
CA GLU C 54 -37.90 -3.59 2.07
C GLU C 54 -36.85 -2.64 1.53
N ALA C 55 -37.10 -2.07 0.35
CA ALA C 55 -36.16 -1.16 -0.29
C ALA C 55 -36.41 0.31 0.00
N VAL C 56 -35.56 0.95 0.79
CA VAL C 56 -35.72 2.36 1.09
C VAL C 56 -34.42 3.10 0.85
N THR C 57 -34.55 4.38 0.51
CA THR C 57 -33.41 5.25 0.20
C THR C 57 -32.42 5.59 1.32
N VAL C 58 -31.12 5.62 1.00
CA VAL C 58 -30.06 5.95 1.96
C VAL C 58 -28.98 6.77 1.27
N ALA C 59 -28.20 7.54 2.00
CA ALA C 59 -27.16 8.29 1.34
C ALA C 59 -25.84 7.66 1.70
N VAL C 60 -25.11 7.18 0.71
CA VAL C 60 -23.82 6.56 0.97
C VAL C 60 -22.73 7.58 0.77
N LYS C 61 -21.79 7.62 1.69
CA LYS C 61 -20.70 8.56 1.59
C LYS C 61 -19.54 7.81 0.99
N MET C 62 -18.92 8.36 -0.04
CA MET C 62 -17.83 7.68 -0.72
C MET C 62 -16.62 8.55 -1.00
N LEU C 63 -15.47 7.93 -1.17
CA LEU C 63 -14.28 8.70 -1.43
C LEU C 63 -14.46 9.42 -2.76
N LYS C 64 -14.03 10.68 -2.81
CA LYS C 64 -14.16 11.53 -3.99
C LYS C 64 -13.02 11.28 -4.96
N ASP C 65 -13.03 11.92 -6.11
CA ASP C 65 -11.94 11.73 -7.05
C ASP C 65 -10.59 12.13 -6.45
N ASP C 66 -10.44 13.39 -6.07
CA ASP C 66 -9.19 13.82 -5.50
C ASP C 66 -9.06 13.13 -4.17
N ALA C 67 -8.51 11.93 -4.16
CA ALA C 67 -8.43 11.24 -2.91
C ALA C 67 -7.15 11.61 -2.23
N THR C 68 -7.27 12.26 -1.10
CA THR C 68 -6.11 12.63 -0.35
C THR C 68 -5.60 11.36 0.31
N GLU C 69 -4.30 11.28 0.53
CA GLU C 69 -3.77 10.12 1.19
C GLU C 69 -4.37 10.04 2.60
N LYS C 70 -4.40 11.17 3.29
CA LYS C 70 -5.00 11.31 4.61
C LYS C 70 -6.53 11.13 4.59
N ASP C 71 -7.16 11.42 3.46
CA ASP C 71 -8.61 11.30 3.33
C ASP C 71 -9.09 9.88 3.58
N LEU C 72 -8.36 8.88 3.10
CA LEU C 72 -8.80 7.53 3.37
C LEU C 72 -8.81 7.26 4.88
N SER C 73 -7.79 7.70 5.60
CA SER C 73 -7.76 7.47 7.02
C SER C 73 -8.92 8.17 7.71
N ASP C 74 -9.25 9.37 7.28
CA ASP C 74 -10.38 10.10 7.86
C ASP C 74 -11.67 9.34 7.63
N LEU C 75 -11.85 8.75 6.45
CA LEU C 75 -13.05 8.00 6.19
C LEU C 75 -13.15 6.82 7.14
N VAL C 76 -12.07 6.10 7.34
CA VAL C 76 -12.12 4.96 8.23
C VAL C 76 -12.43 5.38 9.64
N SER C 77 -11.84 6.48 10.09
CA SER C 77 -12.11 6.96 11.44
C SER C 77 -13.56 7.34 11.59
N GLU C 78 -14.13 7.97 10.57
CA GLU C 78 -15.52 8.39 10.57
C GLU C 78 -16.41 7.17 10.69
N MET C 79 -16.10 6.10 9.99
CA MET C 79 -16.90 4.89 10.10
C MET C 79 -16.79 4.36 11.51
N GLU C 80 -15.58 4.36 12.06
CA GLU C 80 -15.37 3.85 13.40
C GLU C 80 -16.12 4.63 14.43
N MET C 81 -16.14 5.95 14.28
CA MET C 81 -16.85 6.79 15.22
C MET C 81 -18.32 6.42 15.23
N MET C 82 -18.89 6.30 14.04
CA MET C 82 -20.28 5.99 13.91
C MET C 82 -20.65 4.65 14.53
N LYS C 83 -19.78 3.66 14.42
CA LYS C 83 -20.15 2.35 14.94
C LYS C 83 -20.44 2.29 16.42
N MET C 84 -19.59 2.90 17.23
CA MET C 84 -19.72 2.88 18.69
C MET C 84 -20.90 3.64 19.29
N ILE C 85 -21.32 4.69 18.62
CA ILE C 85 -22.39 5.54 19.11
C ILE C 85 -23.76 4.92 19.33
N GLY C 86 -24.16 3.95 18.52
CA GLY C 86 -25.48 3.39 18.70
C GLY C 86 -26.49 4.23 17.96
N LYS C 87 -27.77 4.05 18.26
CA LYS C 87 -28.80 4.79 17.56
C LYS C 87 -29.64 5.69 18.45
N HIS C 88 -29.84 6.92 18.00
CA HIS C 88 -30.64 7.92 18.71
C HIS C 88 -31.55 8.64 17.72
N LYS C 89 -32.67 9.14 18.19
CA LYS C 89 -33.63 9.81 17.33
C LYS C 89 -33.08 11.04 16.65
N ASN C 90 -32.41 11.87 17.44
CA ASN C 90 -31.89 13.15 16.96
C ASN C 90 -30.48 13.17 16.35
N ILE C 91 -29.82 12.02 16.21
CA ILE C 91 -28.48 12.00 15.62
C ILE C 91 -28.35 11.02 14.47
N ILE C 92 -27.71 11.44 13.38
CA ILE C 92 -27.53 10.55 12.25
C ILE C 92 -26.71 9.38 12.75
N ASN C 93 -27.21 8.17 12.49
CA ASN C 93 -26.55 6.95 12.91
C ASN C 93 -26.29 6.03 11.73
N LEU C 94 -25.28 5.21 11.85
CA LEU C 94 -24.87 4.33 10.78
C LEU C 94 -25.92 3.32 10.39
N LEU C 95 -26.03 3.04 9.10
CA LEU C 95 -27.01 2.07 8.60
C LEU C 95 -26.34 0.86 7.95
N GLY C 96 -25.07 0.65 8.26
CA GLY C 96 -24.30 -0.44 7.69
C GLY C 96 -23.39 0.09 6.61
N ALA C 97 -22.31 -0.62 6.33
CA ALA C 97 -21.37 -0.15 5.32
C ALA C 97 -20.95 -1.27 4.40
N CYS C 98 -20.55 -0.94 3.18
CA CYS C 98 -20.14 -1.94 2.20
C CYS C 98 -18.91 -2.77 2.51
N THR C 99 -17.91 -2.16 3.11
CA THR C 99 -16.66 -2.82 3.53
C THR C 99 -15.70 -3.48 2.52
N GLN C 100 -15.31 -4.73 2.80
CA GLN C 100 -14.25 -5.38 2.06
C GLN C 100 -14.29 -5.51 0.55
N ASP C 101 -15.41 -5.87 -0.05
CA ASP C 101 -15.37 -6.05 -1.50
C ASP C 101 -15.38 -4.77 -2.33
N GLY C 102 -14.43 -4.67 -3.26
CA GLY C 102 -14.33 -3.52 -4.13
C GLY C 102 -14.08 -2.21 -3.42
N PRO C 103 -14.63 -1.12 -3.98
CA PRO C 103 -14.53 0.24 -3.47
C PRO C 103 -15.29 0.37 -2.19
N LEU C 104 -14.85 1.27 -1.32
CA LEU C 104 -15.45 1.44 -0.03
C LEU C 104 -16.43 2.58 0.04
N TYR C 105 -17.69 2.27 0.30
CA TYR C 105 -18.71 3.28 0.46
C TYR C 105 -19.18 3.06 1.87
N VAL C 106 -19.31 4.13 2.64
CA VAL C 106 -19.80 4.05 4.00
C VAL C 106 -21.19 4.60 3.86
N ILE C 107 -22.16 3.90 4.45
CA ILE C 107 -23.55 4.26 4.35
C ILE C 107 -24.11 4.88 5.61
N VAL C 108 -24.78 6.02 5.46
CA VAL C 108 -25.39 6.72 6.58
C VAL C 108 -26.84 7.00 6.27
N GLU C 109 -27.61 7.42 7.27
CA GLU C 109 -29.01 7.68 7.00
C GLU C 109 -29.22 8.99 6.27
N TYR C 110 -30.17 8.92 5.34
CA TYR C 110 -30.54 10.02 4.47
C TYR C 110 -31.33 11.11 5.17
N ALA C 111 -31.00 12.36 4.86
CA ALA C 111 -31.69 13.52 5.40
C ALA C 111 -32.29 14.23 4.21
N SER C 112 -33.58 14.54 4.28
CA SER C 112 -34.29 15.17 3.17
C SER C 112 -34.01 16.62 2.74
N LYS C 113 -33.87 17.51 3.70
CA LYS C 113 -33.68 18.91 3.39
C LYS C 113 -32.27 19.41 3.53
N GLY C 114 -31.35 18.50 3.74
CA GLY C 114 -29.97 18.91 3.84
C GLY C 114 -29.60 19.56 5.15
N ASN C 115 -28.46 20.23 5.14
CA ASN C 115 -27.94 20.85 6.33
C ASN C 115 -28.86 21.91 6.85
N LEU C 116 -28.96 22.00 8.15
CA LEU C 116 -29.84 22.96 8.78
C LEU C 116 -29.53 24.42 8.51
N ARG C 117 -28.26 24.79 8.39
CA ARG C 117 -27.95 26.19 8.19
C ARG C 117 -28.56 26.70 6.93
N GLU C 118 -28.45 25.94 5.85
CA GLU C 118 -29.08 26.38 4.62
C GLU C 118 -30.58 26.38 4.76
N TYR C 119 -31.11 25.39 5.45
CA TYR C 119 -32.53 25.25 5.64
C TYR C 119 -33.08 26.46 6.32
N LEU C 120 -32.36 27.02 7.27
CA LEU C 120 -32.87 28.22 7.93
C LEU C 120 -32.75 29.44 7.02
N ARG C 121 -31.67 29.50 6.23
CA ARG C 121 -31.52 30.65 5.35
C ARG C 121 -32.63 30.69 4.32
N ALA C 122 -33.02 29.55 3.79
CA ALA C 122 -34.06 29.51 2.80
C ALA C 122 -35.44 29.63 3.41
N ARG C 123 -35.48 30.20 4.59
CA ARG C 123 -36.74 30.40 5.26
C ARG C 123 -36.70 31.72 6.00
N ARG C 124 -36.25 32.73 5.26
CA ARG C 124 -36.17 34.12 5.71
C ARG C 124 -37.07 34.85 4.72
N PRO C 125 -38.01 35.69 5.22
CA PRO C 125 -38.97 36.39 4.36
C PRO C 125 -38.44 37.41 3.34
N PRO C 126 -37.51 38.28 3.73
CA PRO C 126 -36.94 39.25 2.80
C PRO C 126 -35.43 39.15 2.75
N GLU C 140 -44.80 28.15 4.22
CA GLU C 140 -45.00 28.10 5.66
C GLU C 140 -43.68 28.22 6.42
N GLN C 141 -43.20 29.44 6.58
CA GLN C 141 -41.96 29.69 7.28
C GLN C 141 -42.12 29.33 8.75
N MET C 142 -41.05 28.87 9.35
CA MET C 142 -41.04 28.45 10.73
C MET C 142 -41.36 29.54 11.70
N THR C 143 -42.15 29.21 12.71
CA THR C 143 -42.54 30.15 13.74
C THR C 143 -41.55 30.09 14.88
N PHE C 144 -41.84 30.79 15.97
CA PHE C 144 -40.87 30.80 17.05
C PHE C 144 -40.77 29.45 17.73
N LYS C 145 -41.89 28.77 17.92
CA LYS C 145 -41.84 27.44 18.51
C LYS C 145 -41.02 26.51 17.64
N ASP C 146 -41.15 26.58 16.32
CA ASP C 146 -40.35 25.73 15.46
C ASP C 146 -38.87 26.02 15.67
N LEU C 147 -38.47 27.28 15.81
CA LEU C 147 -37.05 27.59 16.04
C LEU C 147 -36.61 26.98 17.35
N VAL C 148 -37.44 27.08 18.38
CA VAL C 148 -37.14 26.48 19.67
C VAL C 148 -37.10 24.98 19.56
N SER C 149 -37.99 24.41 18.76
CA SER C 149 -38.06 22.98 18.62
C SER C 149 -36.79 22.39 18.09
N CYS C 150 -36.14 23.06 17.14
CA CYS C 150 -34.89 22.61 16.58
C CYS C 150 -33.85 22.57 17.69
N THR C 151 -33.84 23.61 18.52
CA THR C 151 -32.88 23.68 19.60
C THR C 151 -33.06 22.53 20.54
N TYR C 152 -34.29 22.18 20.88
CA TYR C 152 -34.48 21.09 21.80
C TYR C 152 -33.95 19.80 21.24
N GLN C 153 -34.25 19.53 19.98
CA GLN C 153 -33.83 18.28 19.39
C GLN C 153 -32.34 18.17 19.38
N LEU C 154 -31.74 19.19 18.81
CA LEU C 154 -30.32 19.26 18.68
C LEU C 154 -29.77 19.10 20.06
N ALA C 155 -30.39 19.76 21.02
CA ALA C 155 -29.96 19.71 22.41
C ALA C 155 -30.04 18.32 23.00
N ARG C 156 -31.14 17.61 22.77
CA ARG C 156 -31.26 16.26 23.30
C ARG C 156 -30.23 15.34 22.66
N GLY C 157 -29.95 15.57 21.38
CA GLY C 157 -29.00 14.75 20.65
C GLY C 157 -27.64 14.80 21.29
N MET C 158 -27.23 16.00 21.67
CA MET C 158 -25.97 16.12 22.36
C MET C 158 -26.14 15.32 23.62
N GLU C 159 -27.33 15.36 24.22
CA GLU C 159 -27.56 14.58 25.42
C GLU C 159 -27.38 13.10 25.16
N TYR C 160 -27.85 12.59 24.02
CA TYR C 160 -27.64 11.18 23.70
C TYR C 160 -26.16 10.93 23.54
N LEU C 161 -25.48 11.85 22.84
CA LEU C 161 -24.05 11.75 22.58
C LEU C 161 -23.27 11.86 23.88
N ALA C 162 -23.78 12.73 24.72
CA ALA C 162 -23.30 12.85 26.07
C ALA C 162 -23.67 11.49 26.68
N SER C 163 -22.80 11.03 27.57
CA SER C 163 -22.84 9.74 28.31
C SER C 163 -22.38 8.55 27.46
N GLN C 164 -22.05 8.82 26.22
CA GLN C 164 -21.52 7.74 25.41
C GLN C 164 -19.98 7.76 25.50
N LYS C 165 -19.45 8.72 26.27
CA LYS C 165 -18.02 9.03 26.44
C LYS C 165 -17.43 9.48 25.11
N CYS C 166 -18.26 10.24 24.39
CA CYS C 166 -17.94 10.78 23.10
C CYS C 166 -18.23 12.25 23.09
N ILE C 167 -17.51 12.94 22.23
CA ILE C 167 -17.68 14.37 21.96
C ILE C 167 -17.55 14.64 20.47
N HIS C 168 -18.46 15.43 19.91
CA HIS C 168 -18.47 15.75 18.48
C HIS C 168 -17.31 16.56 17.89
N ARG C 169 -16.81 17.54 18.65
CA ARG C 169 -15.68 18.43 18.29
C ARG C 169 -15.90 19.42 17.13
N ASP C 170 -17.10 19.46 16.57
CA ASP C 170 -17.38 20.39 15.49
C ASP C 170 -18.86 20.68 15.42
N LEU C 171 -19.41 21.46 16.33
CA LEU C 171 -20.84 21.67 16.30
C LEU C 171 -21.24 23.00 15.71
N ALA C 172 -21.93 22.94 14.58
CA ALA C 172 -22.40 24.13 13.89
C ALA C 172 -23.57 23.76 13.03
N ALA C 173 -24.29 24.76 12.55
CA ALA C 173 -25.49 24.53 11.78
C ALA C 173 -25.31 23.74 10.51
N ARG C 174 -24.24 23.99 9.77
CA ARG C 174 -24.06 23.27 8.52
C ARG C 174 -23.91 21.78 8.76
N ASN C 175 -23.23 21.40 9.83
CA ASN C 175 -23.04 20.00 10.15
C ASN C 175 -24.23 19.35 10.86
N VAL C 176 -25.35 20.04 10.86
CA VAL C 176 -26.56 19.52 11.44
C VAL C 176 -27.50 19.30 10.29
N LEU C 177 -28.05 18.11 10.18
CA LEU C 177 -28.94 17.80 9.07
C LEU C 177 -30.37 17.56 9.48
N VAL C 178 -31.28 18.29 8.83
CA VAL C 178 -32.73 18.18 9.02
C VAL C 178 -33.22 16.91 8.34
N THR C 179 -34.29 16.31 8.85
CA THR C 179 -34.83 15.07 8.32
C THR C 179 -36.17 15.26 7.64
N GLU C 180 -36.38 14.73 6.44
CA GLU C 180 -37.69 14.99 5.88
C GLU C 180 -38.72 14.91 7.00
N ASN C 181 -39.69 15.80 6.94
CA ASN C 181 -40.72 15.91 7.97
C ASN C 181 -40.14 16.53 9.27
N ASN C 182 -39.12 17.36 9.05
CA ASN C 182 -38.47 18.15 10.11
C ASN C 182 -37.87 17.52 11.36
N VAL C 183 -37.13 16.42 11.24
CA VAL C 183 -36.48 15.88 12.42
C VAL C 183 -35.01 16.17 12.26
N MET C 184 -34.42 16.87 13.22
CA MET C 184 -33.01 17.24 13.17
C MET C 184 -32.03 16.11 13.50
N LYS C 185 -30.92 16.02 12.77
CA LYS C 185 -29.95 14.99 13.02
C LYS C 185 -28.53 15.52 12.93
N ILE C 186 -27.75 15.29 13.96
CA ILE C 186 -26.36 15.73 13.97
C ILE C 186 -25.63 14.87 12.96
N ALA C 187 -24.72 15.43 12.18
CA ALA C 187 -24.02 14.60 11.20
C ALA C 187 -22.53 14.87 11.05
N ASP C 188 -21.93 14.26 10.03
CA ASP C 188 -20.50 14.44 9.76
C ASP C 188 -19.57 14.22 10.96
N PHE C 189 -19.71 13.04 11.57
CA PHE C 189 -18.98 12.61 12.78
C PHE C 189 -17.47 12.33 12.75
N GLY C 190 -16.77 12.62 11.66
CA GLY C 190 -15.36 12.24 11.62
C GLY C 190 -14.37 12.80 12.64
N LEU C 191 -14.56 14.05 13.07
CA LEU C 191 -13.63 14.66 14.02
C LEU C 191 -13.91 14.44 15.50
N ALA C 192 -14.63 13.35 15.78
CA ALA C 192 -15.02 12.95 17.12
C ALA C 192 -14.12 11.83 17.64
N ARG C 193 -13.71 11.95 18.89
CA ARG C 193 -12.88 10.94 19.53
C ARG C 193 -13.53 10.56 20.85
N ASP C 194 -14.12 9.38 20.93
CA ASP C 194 -14.80 8.98 22.14
C ASP C 194 -13.84 8.97 23.30
N ILE C 195 -14.18 9.74 24.32
CA ILE C 195 -13.37 9.82 25.51
C ILE C 195 -13.29 8.48 26.22
N LYS C 202 -5.97 15.48 25.11
CA LYS C 202 -5.64 16.82 24.61
C LYS C 202 -4.26 16.87 23.99
N LYS C 203 -3.99 15.88 23.15
CA LYS C 203 -2.78 15.82 22.36
C LYS C 203 -3.13 16.00 20.87
N THR C 204 -4.39 16.32 20.61
CA THR C 204 -4.91 16.50 19.27
C THR C 204 -4.25 17.70 18.62
N THR C 205 -4.05 17.61 17.31
CA THR C 205 -3.41 18.68 16.56
C THR C 205 -4.24 19.98 16.61
N ASN C 206 -5.56 19.86 16.60
CA ASN C 206 -6.49 20.99 16.67
C ASN C 206 -6.27 22.00 15.58
N GLY C 207 -6.01 21.49 14.39
CA GLY C 207 -5.84 22.31 13.22
C GLY C 207 -7.12 22.39 12.42
N ARG C 208 -7.82 21.27 12.34
CA ARG C 208 -9.01 21.16 11.51
C ARG C 208 -10.40 21.57 12.03
N LEU C 209 -10.47 22.44 13.02
CA LEU C 209 -11.77 22.94 13.49
C LEU C 209 -11.79 24.46 13.40
N PRO C 210 -12.93 25.02 13.01
CA PRO C 210 -13.12 26.47 12.81
C PRO C 210 -12.98 27.28 14.07
N VAL C 211 -12.36 28.44 13.98
CA VAL C 211 -12.18 29.28 15.14
C VAL C 211 -13.44 29.84 15.79
N LYS C 212 -14.38 30.27 14.98
CA LYS C 212 -15.57 30.87 15.54
C LYS C 212 -16.42 29.96 16.41
N TRP C 213 -16.57 28.71 16.01
CA TRP C 213 -17.38 27.75 16.76
C TRP C 213 -16.64 27.07 17.89
N MET C 214 -15.33 27.26 17.95
CA MET C 214 -14.51 26.64 18.99
C MET C 214 -14.67 27.24 20.36
N ALA C 215 -14.56 26.41 21.38
CA ALA C 215 -14.65 26.90 22.73
C ALA C 215 -13.39 27.63 23.02
N PRO C 216 -13.44 28.71 23.81
CA PRO C 216 -12.28 29.50 24.24
C PRO C 216 -11.42 28.64 25.10
N GLU C 217 -12.05 27.84 25.95
CA GLU C 217 -11.36 26.92 26.81
C GLU C 217 -10.59 25.96 25.91
N ALA C 218 -11.26 25.44 24.89
CA ALA C 218 -10.67 24.58 23.90
C ALA C 218 -9.67 25.16 22.91
N LEU C 219 -9.97 26.33 22.36
CA LEU C 219 -9.04 26.84 21.37
C LEU C 219 -7.66 27.22 21.87
N PHE C 220 -7.61 27.95 22.97
CA PHE C 220 -6.32 28.40 23.49
C PHE C 220 -5.35 27.37 24.09
N ASP C 221 -5.85 26.48 24.94
CA ASP C 221 -4.99 25.49 25.59
C ASP C 221 -5.09 24.13 24.93
N ARG C 222 -5.82 24.07 23.84
CA ARG C 222 -6.07 22.85 23.05
C ARG C 222 -6.79 21.73 23.80
N VAL C 223 -7.25 22.01 25.02
CA VAL C 223 -7.97 21.00 25.80
C VAL C 223 -9.33 20.69 25.20
N TYR C 224 -9.76 19.44 25.28
CA TYR C 224 -11.05 19.06 24.74
C TYR C 224 -11.86 18.37 25.83
N THR C 225 -13.03 18.92 26.15
CA THR C 225 -13.89 18.35 27.19
C THR C 225 -15.29 18.05 26.70
N HIS C 226 -15.94 17.08 27.31
CA HIS C 226 -17.29 16.69 26.95
C HIS C 226 -18.21 17.89 26.98
N GLN C 227 -18.02 18.73 27.99
CA GLN C 227 -18.82 19.92 28.14
C GLN C 227 -18.14 21.11 27.53
N SER C 228 -17.06 20.90 26.81
CA SER C 228 -16.46 22.07 26.14
C SER C 228 -17.33 22.41 24.97
N ASP C 229 -18.15 21.46 24.57
CA ASP C 229 -19.01 21.67 23.43
C ASP C 229 -20.19 22.62 23.69
N VAL C 230 -20.47 22.97 24.94
CA VAL C 230 -21.56 23.91 25.19
C VAL C 230 -21.32 25.24 24.49
N TRP C 231 -20.07 25.71 24.47
CA TRP C 231 -19.74 26.93 23.75
C TRP C 231 -20.05 26.71 22.28
N SER C 232 -19.68 25.54 21.75
CA SER C 232 -19.95 25.21 20.37
C SER C 232 -21.46 25.18 20.28
N PHE C 233 -22.11 24.66 21.30
CA PHE C 233 -23.56 24.65 21.28
C PHE C 233 -24.09 26.05 21.43
N GLY C 234 -23.43 26.87 22.23
CA GLY C 234 -23.84 28.25 22.38
C GLY C 234 -23.74 28.93 21.04
N VAL C 235 -22.66 28.72 20.30
CA VAL C 235 -22.59 29.32 18.98
C VAL C 235 -23.67 28.75 18.09
N LEU C 236 -23.90 27.44 18.18
CA LEU C 236 -24.91 26.77 17.37
C LEU C 236 -26.28 27.31 17.63
N MET C 237 -26.55 27.68 18.87
CA MET C 237 -27.87 28.21 19.17
C MET C 237 -28.05 29.49 18.39
N TRP C 238 -26.99 30.27 18.28
CA TRP C 238 -27.08 31.53 17.57
C TRP C 238 -27.43 31.33 16.11
N GLU C 239 -26.89 30.30 15.49
CA GLU C 239 -27.19 30.08 14.09
C GLU C 239 -28.68 29.82 13.91
N ILE C 240 -29.27 29.07 14.83
CA ILE C 240 -30.68 28.75 14.75
C ILE C 240 -31.59 29.95 14.93
N PHE C 241 -31.26 30.79 15.90
CA PHE C 241 -32.07 31.97 16.19
C PHE C 241 -32.04 33.13 15.20
N THR C 242 -30.98 33.22 14.42
CA THR C 242 -30.92 34.22 13.35
C THR C 242 -31.16 33.52 12.00
N LEU C 243 -31.77 32.34 12.07
CA LEU C 243 -32.11 31.53 10.91
C LEU C 243 -30.88 31.24 10.08
N GLY C 244 -29.75 31.03 10.75
CA GLY C 244 -28.50 30.73 10.08
C GLY C 244 -27.46 31.81 9.89
N GLY C 245 -27.64 32.99 10.46
CA GLY C 245 -26.65 34.02 10.27
C GLY C 245 -25.29 33.64 10.80
N SER C 246 -24.25 34.04 10.10
CA SER C 246 -22.90 33.73 10.53
C SER C 246 -22.65 34.39 11.87
N PRO C 247 -21.97 33.66 12.76
CA PRO C 247 -21.62 34.08 14.11
C PRO C 247 -20.54 35.13 14.08
N TYR C 248 -20.47 35.99 15.09
CA TYR C 248 -19.48 37.04 15.17
C TYR C 248 -19.44 37.83 13.88
N PRO C 249 -20.59 38.30 13.44
CA PRO C 249 -20.56 39.03 12.17
C PRO C 249 -19.71 40.27 12.26
N GLY C 250 -18.89 40.45 11.22
CA GLY C 250 -18.00 41.59 11.11
C GLY C 250 -16.64 41.38 11.71
N ILE C 251 -16.46 40.27 12.41
CA ILE C 251 -15.17 40.02 13.01
C ILE C 251 -14.48 38.90 12.26
N PRO C 252 -13.33 39.22 11.69
CA PRO C 252 -12.51 38.31 10.90
C PRO C 252 -11.90 37.29 11.80
N VAL C 253 -11.63 36.12 11.26
CA VAL C 253 -11.09 35.04 12.04
C VAL C 253 -9.77 35.44 12.61
N GLU C 254 -8.98 36.17 11.85
CA GLU C 254 -7.67 36.55 12.32
C GLU C 254 -7.73 37.37 13.58
N GLU C 255 -8.65 38.32 13.65
CA GLU C 255 -8.77 39.18 14.80
C GLU C 255 -9.61 38.57 15.91
N LEU C 256 -10.23 37.42 15.65
CA LEU C 256 -11.11 36.78 16.62
C LEU C 256 -10.50 36.32 17.94
N PHE C 257 -9.28 35.83 17.91
CA PHE C 257 -8.66 35.34 19.12
C PHE C 257 -8.52 36.41 20.18
N LYS C 258 -8.19 37.63 19.77
CA LYS C 258 -7.96 38.69 20.74
C LYS C 258 -9.19 38.99 21.57
N LEU C 259 -10.35 39.02 20.93
CA LEU C 259 -11.58 39.27 21.65
C LEU C 259 -11.85 38.15 22.64
N LEU C 260 -11.60 36.92 22.23
CA LEU C 260 -11.80 35.76 23.09
C LEU C 260 -10.87 35.80 24.30
N LYS C 261 -9.64 36.24 24.09
CA LYS C 261 -8.66 36.32 25.16
C LYS C 261 -9.13 37.29 26.25
N GLU C 262 -9.72 38.40 25.82
CA GLU C 262 -10.27 39.42 26.71
C GLU C 262 -11.74 39.07 27.06
N GLY C 263 -12.44 39.97 27.72
CA GLY C 263 -13.83 39.66 28.04
C GLY C 263 -14.77 40.08 26.95
N HIS C 264 -15.35 39.09 26.25
CA HIS C 264 -16.29 39.37 25.17
C HIS C 264 -17.23 38.20 24.91
N ARG C 265 -18.41 38.50 24.36
CA ARG C 265 -19.38 37.46 24.00
C ARG C 265 -20.36 37.96 22.96
N MET C 266 -20.62 37.14 21.96
CA MET C 266 -21.56 37.48 20.90
C MET C 266 -22.91 38.03 21.40
N ASP C 267 -23.46 38.99 20.67
CA ASP C 267 -24.73 39.61 21.01
C ASP C 267 -25.90 38.67 20.84
N LYS C 268 -26.94 38.87 21.63
CA LYS C 268 -28.12 38.03 21.54
C LYS C 268 -28.90 38.39 20.29
N PRO C 269 -29.27 37.40 19.49
CA PRO C 269 -30.01 37.59 18.23
C PRO C 269 -31.37 38.16 18.48
N ALA C 270 -31.87 38.94 17.54
CA ALA C 270 -33.17 39.59 17.71
C ALA C 270 -34.37 38.67 17.84
N ASN C 271 -34.43 37.62 17.03
CA ASN C 271 -35.58 36.73 17.09
C ASN C 271 -35.75 36.02 18.42
N CYS C 272 -34.65 35.59 19.01
CA CYS C 272 -34.67 34.86 20.26
C CYS C 272 -35.18 35.64 21.45
N THR C 273 -35.97 34.96 22.27
CA THR C 273 -36.56 35.52 23.46
C THR C 273 -35.46 35.70 24.45
N ASN C 274 -35.59 36.66 25.33
CA ASN C 274 -34.51 37.01 26.23
C ASN C 274 -34.02 35.88 27.07
N GLU C 275 -34.90 34.98 27.45
CA GLU C 275 -34.52 33.83 28.28
C GLU C 275 -33.46 32.99 27.62
N LEU C 276 -33.58 32.79 26.32
CA LEU C 276 -32.59 32.06 25.55
C LEU C 276 -31.26 32.81 25.58
N TYR C 277 -31.29 34.14 25.50
CA TYR C 277 -30.06 34.87 25.42
C TYR C 277 -29.24 34.57 26.63
N MET C 278 -29.86 34.52 27.79
CA MET C 278 -29.09 34.18 28.95
C MET C 278 -28.59 32.77 28.76
N MET C 279 -29.43 31.85 28.31
CA MET C 279 -28.90 30.51 28.17
C MET C 279 -27.62 30.53 27.37
N MET C 280 -27.54 31.33 26.31
CA MET C 280 -26.33 31.38 25.53
C MET C 280 -25.18 31.89 26.39
N ARG C 281 -25.43 32.89 27.22
CA ARG C 281 -24.37 33.39 28.08
C ARG C 281 -23.93 32.30 29.04
N ASP C 282 -24.89 31.58 29.59
CA ASP C 282 -24.59 30.47 30.49
C ASP C 282 -23.82 29.41 29.73
N CYS C 283 -24.20 29.15 28.49
CA CYS C 283 -23.52 28.19 27.63
C CYS C 283 -22.09 28.61 27.28
N TRP C 284 -21.85 29.92 27.21
CA TRP C 284 -20.55 30.48 26.89
C TRP C 284 -19.65 30.78 28.05
N HIS C 285 -20.04 30.38 29.26
CA HIS C 285 -19.26 30.66 30.46
C HIS C 285 -17.77 30.41 30.34
N ALA C 286 -17.02 31.37 30.85
CA ALA C 286 -15.57 31.38 30.78
C ALA C 286 -14.87 30.10 31.20
N VAL C 287 -15.32 29.45 32.26
CA VAL C 287 -14.65 28.23 32.67
C VAL C 287 -15.58 27.06 32.45
N PRO C 288 -15.02 25.93 32.02
CA PRO C 288 -15.70 24.71 31.59
C PRO C 288 -16.63 24.14 32.62
N SER C 289 -16.31 24.24 33.90
CA SER C 289 -17.23 23.71 34.89
C SER C 289 -18.56 24.46 34.86
N GLN C 290 -18.47 25.77 34.72
CA GLN C 290 -19.60 26.67 34.71
C GLN C 290 -20.64 26.50 33.60
N ARG C 291 -20.22 26.09 32.42
CA ARG C 291 -21.18 25.90 31.34
C ARG C 291 -22.17 24.85 31.77
N PRO C 292 -23.45 25.08 31.49
CA PRO C 292 -24.44 24.11 31.92
C PRO C 292 -24.22 22.77 31.26
N THR C 293 -24.49 21.71 32.01
CA THR C 293 -24.31 20.36 31.53
C THR C 293 -25.36 20.05 30.49
N PHE C 294 -25.05 19.11 29.60
CA PHE C 294 -26.01 18.76 28.56
C PHE C 294 -27.36 18.30 29.10
N LYS C 295 -27.39 17.59 30.22
CA LYS C 295 -28.68 17.25 30.80
C LYS C 295 -29.33 18.55 31.21
N GLN C 296 -28.55 19.48 31.75
CA GLN C 296 -29.13 20.72 32.19
C GLN C 296 -29.71 21.49 31.04
N LEU C 297 -28.97 21.58 29.95
CA LEU C 297 -29.46 22.33 28.82
C LEU C 297 -30.71 21.69 28.30
N VAL C 298 -30.71 20.38 28.17
CA VAL C 298 -31.88 19.74 27.68
C VAL C 298 -33.02 19.89 28.67
N GLU C 299 -32.74 19.76 29.94
CA GLU C 299 -33.81 19.92 30.92
C GLU C 299 -34.35 21.33 30.92
N ASP C 300 -33.46 22.32 30.81
CA ASP C 300 -33.91 23.71 30.82
C ASP C 300 -34.82 23.99 29.63
N LEU C 301 -34.47 23.45 28.48
CA LEU C 301 -35.24 23.63 27.26
C LEU C 301 -36.62 23.03 27.31
N ASP C 302 -36.76 21.87 27.95
CA ASP C 302 -38.05 21.20 27.99
C ASP C 302 -39.10 22.08 28.65
N ARG C 303 -38.73 22.73 29.75
CA ARG C 303 -39.66 23.59 30.43
C ARG C 303 -40.13 24.62 29.44
N ILE C 304 -39.22 25.18 28.66
CA ILE C 304 -39.58 26.22 27.72
C ILE C 304 -40.58 25.75 26.69
N LEU C 305 -40.39 24.56 26.13
CA LEU C 305 -41.36 24.05 25.17
C LEU C 305 -42.66 23.76 25.89
N THR C 306 -42.53 23.20 27.09
CA THR C 306 -43.65 22.83 27.92
C THR C 306 -44.46 24.04 28.35
N LEU C 307 -43.77 25.13 28.63
CA LEU C 307 -44.40 26.33 29.17
C LEU C 307 -45.47 26.99 28.33
N GLU D 11 -0.80 -1.56 9.42
CA GLU D 11 -0.69 -1.87 8.00
C GLU D 11 -1.68 -2.95 7.63
N LEU D 12 -1.73 -4.02 8.43
CA LEU D 12 -2.65 -5.12 8.18
C LEU D 12 -3.87 -4.96 9.05
N PRO D 13 -5.04 -4.86 8.43
CA PRO D 13 -6.29 -4.70 9.16
C PRO D 13 -6.63 -5.97 9.88
N GLU D 14 -7.33 -5.88 10.99
CA GLU D 14 -7.67 -7.06 11.75
C GLU D 14 -9.15 -7.37 11.68
N ASP D 15 -9.49 -8.59 11.27
CA ASP D 15 -10.88 -8.97 11.23
C ASP D 15 -11.26 -9.15 12.67
N PRO D 16 -12.38 -8.58 13.08
CA PRO D 16 -12.71 -8.73 14.49
C PRO D 16 -12.96 -10.16 14.95
N LYS D 17 -13.67 -10.97 14.18
CA LYS D 17 -13.95 -12.33 14.63
C LYS D 17 -12.72 -13.18 14.77
N TRP D 18 -11.83 -13.14 13.78
CA TRP D 18 -10.60 -13.89 13.86
C TRP D 18 -9.58 -13.42 14.91
N GLU D 19 -9.40 -12.12 15.06
CA GLU D 19 -8.35 -11.63 15.95
C GLU D 19 -8.36 -12.19 17.34
N PHE D 20 -7.16 -12.41 17.83
CA PHE D 20 -6.91 -12.97 19.13
C PHE D 20 -5.81 -12.15 19.76
N PRO D 21 -5.87 -11.88 21.08
CA PRO D 21 -4.85 -11.07 21.73
C PRO D 21 -3.51 -11.77 21.80
N ARG D 22 -2.44 -11.05 21.56
CA ARG D 22 -1.09 -11.62 21.59
C ARG D 22 -0.72 -12.17 22.95
N ASP D 23 -1.12 -11.45 23.98
CA ASP D 23 -0.83 -11.79 25.37
C ASP D 23 -1.42 -13.11 25.83
N LYS D 24 -2.61 -13.44 25.38
CA LYS D 24 -3.25 -14.69 25.79
C LYS D 24 -2.48 -15.94 25.34
N LEU D 25 -1.99 -15.94 24.11
CA LEU D 25 -1.25 -17.08 23.57
C LEU D 25 0.06 -17.38 24.26
N THR D 26 0.38 -18.66 24.40
CA THR D 26 1.62 -19.07 25.04
C THR D 26 2.42 -20.01 24.13
N LEU D 27 3.70 -19.72 23.98
CA LEU D 27 4.58 -20.51 23.13
C LEU D 27 4.95 -21.89 23.65
N GLY D 28 5.36 -22.75 22.73
CA GLY D 28 5.73 -24.12 23.00
C GLY D 28 6.93 -24.49 22.14
N LYS D 29 7.48 -25.69 22.33
CA LYS D 29 8.62 -26.11 21.54
C LYS D 29 8.19 -26.10 20.09
N PRO D 30 9.01 -25.52 19.20
CA PRO D 30 8.60 -25.40 17.81
C PRO D 30 8.36 -26.73 17.17
N LEU D 31 7.22 -26.84 16.49
CA LEU D 31 6.84 -28.04 15.79
C LEU D 31 7.76 -28.26 14.62
N GLY D 32 8.04 -27.17 13.92
CA GLY D 32 8.91 -27.23 12.76
C GLY D 32 9.48 -25.89 12.33
N GLU D 33 10.51 -25.93 11.50
CA GLU D 33 11.16 -24.73 10.97
C GLU D 33 11.49 -24.86 9.46
N GLY D 34 10.46 -24.91 8.64
CA GLY D 34 10.62 -25.07 7.22
C GLY D 34 11.01 -23.83 6.46
N CYS D 35 11.48 -24.02 5.23
CA CYS D 35 11.80 -22.93 4.34
C CYS D 35 10.53 -22.18 3.97
N PHE D 36 9.44 -22.92 3.77
CA PHE D 36 8.17 -22.33 3.40
C PHE D 36 7.69 -21.40 4.52
N GLY D 37 7.73 -21.87 5.76
CA GLY D 37 7.29 -21.08 6.91
C GLY D 37 7.70 -21.63 8.27
N GLN D 38 7.62 -20.81 9.32
CA GLN D 38 7.96 -21.27 10.66
C GLN D 38 6.75 -21.33 11.56
N VAL D 39 6.60 -22.43 12.28
CA VAL D 39 5.50 -22.58 13.22
C VAL D 39 5.96 -23.09 14.56
N VAL D 40 5.33 -22.63 15.61
CA VAL D 40 5.67 -23.00 16.97
C VAL D 40 4.43 -23.50 17.70
N MET D 41 4.48 -24.69 18.27
CA MET D 41 3.34 -25.23 18.96
C MET D 41 3.05 -24.32 20.12
N ALA D 42 1.78 -24.07 20.39
CA ALA D 42 1.43 -23.20 21.50
C ALA D 42 0.04 -23.50 22.04
N GLU D 43 -0.21 -23.05 23.27
CA GLU D 43 -1.51 -23.24 23.90
C GLU D 43 -2.17 -21.89 23.97
N ALA D 44 -3.36 -21.78 23.41
CA ALA D 44 -4.06 -20.52 23.42
C ALA D 44 -5.32 -20.73 24.22
N VAL D 45 -5.53 -19.87 25.20
CA VAL D 45 -6.64 -20.03 26.12
C VAL D 45 -7.86 -19.27 25.68
N GLY D 46 -9.02 -19.88 25.89
CA GLY D 46 -10.26 -19.26 25.53
C GLY D 46 -10.35 -18.84 24.08
N ILE D 47 -9.88 -19.69 23.18
CA ILE D 47 -9.94 -19.37 21.77
C ILE D 47 -11.38 -19.26 21.34
N ASP D 48 -12.22 -20.18 21.80
CA ASP D 48 -13.62 -20.12 21.42
C ASP D 48 -14.30 -18.93 22.07
N LYS D 51 -16.33 -16.89 25.74
CA LYS D 51 -15.10 -17.64 25.77
C LYS D 51 -15.20 -18.74 26.82
N PRO D 52 -14.94 -19.98 26.43
CA PRO D 52 -14.98 -21.18 27.25
C PRO D 52 -13.83 -21.33 28.23
N LYS D 53 -12.81 -20.48 28.12
CA LYS D 53 -11.64 -20.52 28.99
C LYS D 53 -10.95 -21.88 28.93
N GLU D 54 -10.81 -22.38 27.71
CA GLU D 54 -10.16 -23.65 27.49
C GLU D 54 -8.81 -23.29 26.91
N ALA D 55 -7.75 -23.80 27.53
CA ALA D 55 -6.42 -23.55 27.07
C ALA D 55 -6.09 -24.57 26.02
N VAL D 56 -6.56 -24.33 24.81
CA VAL D 56 -6.31 -25.24 23.70
C VAL D 56 -4.88 -25.17 23.23
N THR D 57 -4.40 -26.20 22.56
CA THR D 57 -3.06 -26.17 22.05
C THR D 57 -3.15 -26.00 20.55
N VAL D 58 -2.57 -24.92 20.03
CA VAL D 58 -2.63 -24.63 18.60
C VAL D 58 -1.27 -24.36 18.01
N ALA D 59 -0.95 -24.99 16.90
CA ALA D 59 0.30 -24.71 16.25
C ALA D 59 0.15 -23.33 15.65
N VAL D 60 1.22 -22.56 15.69
CA VAL D 60 1.20 -21.20 15.17
C VAL D 60 2.10 -21.15 13.95
N LYS D 61 1.62 -20.55 12.87
CA LYS D 61 2.43 -20.45 11.67
C LYS D 61 2.93 -19.02 11.54
N MET D 62 4.24 -18.85 11.40
CA MET D 62 4.79 -17.49 11.33
C MET D 62 6.02 -17.39 10.46
N LEU D 63 6.39 -16.15 10.13
CA LEU D 63 7.55 -15.86 9.31
C LEU D 63 8.92 -16.01 9.98
N LYS D 64 9.91 -16.27 9.13
CA LYS D 64 11.30 -16.42 9.52
C LYS D 64 11.95 -15.05 9.65
N ASP D 65 13.17 -15.01 10.15
CA ASP D 65 13.89 -13.75 10.32
C ASP D 65 13.96 -13.06 8.98
N ASP D 66 14.31 -13.80 7.94
CA ASP D 66 14.39 -13.23 6.62
C ASP D 66 13.20 -13.81 5.93
N ALA D 67 12.38 -12.97 5.36
CA ALA D 67 11.22 -13.50 4.69
C ALA D 67 11.15 -12.86 3.34
N THR D 68 10.88 -13.69 2.35
CA THR D 68 10.69 -13.26 0.98
C THR D 68 9.38 -12.52 0.93
N GLU D 69 9.26 -11.52 0.07
CA GLU D 69 8.00 -10.81 0.01
C GLU D 69 6.91 -11.77 -0.42
N LYS D 70 7.20 -12.61 -1.40
CA LYS D 70 6.20 -13.58 -1.78
C LYS D 70 5.79 -14.40 -0.55
N ASP D 71 6.72 -14.78 0.34
CA ASP D 71 6.33 -15.53 1.54
C ASP D 71 5.38 -14.71 2.37
N LEU D 72 5.69 -13.43 2.53
CA LEU D 72 4.83 -12.55 3.29
C LEU D 72 3.48 -12.46 2.62
N SER D 73 3.50 -12.31 1.32
CA SER D 73 2.27 -12.24 0.57
C SER D 73 1.52 -13.56 0.66
N ASP D 74 2.25 -14.67 0.54
CA ASP D 74 1.63 -16.00 0.61
C ASP D 74 1.05 -16.40 1.96
N LEU D 75 1.76 -16.15 3.04
CA LEU D 75 1.22 -16.54 4.34
C LEU D 75 -0.04 -15.77 4.62
N VAL D 76 -0.04 -14.48 4.34
CA VAL D 76 -1.22 -13.67 4.57
C VAL D 76 -2.36 -14.12 3.72
N SER D 77 -2.08 -14.48 2.46
CA SER D 77 -3.09 -15.01 1.57
C SER D 77 -3.56 -16.34 2.12
N GLU D 78 -2.65 -17.16 2.65
CA GLU D 78 -3.02 -18.45 3.23
C GLU D 78 -3.94 -18.23 4.39
N MET D 79 -3.68 -17.24 5.23
CA MET D 79 -4.57 -16.97 6.33
C MET D 79 -5.94 -16.62 5.82
N GLU D 80 -6.01 -15.78 4.79
CA GLU D 80 -7.29 -15.38 4.22
C GLU D 80 -8.02 -16.57 3.63
N MET D 81 -7.30 -17.48 3.01
CA MET D 81 -7.91 -18.65 2.39
C MET D 81 -8.69 -19.50 3.36
N MET D 82 -8.18 -19.62 4.58
CA MET D 82 -8.84 -20.43 5.60
C MET D 82 -10.21 -19.86 5.98
N LYS D 83 -10.33 -18.54 5.98
CA LYS D 83 -11.59 -17.93 6.36
C LYS D 83 -12.71 -18.35 5.44
N MET D 84 -12.44 -18.35 4.14
CA MET D 84 -13.45 -18.70 3.16
C MET D 84 -13.93 -20.15 3.22
N ILE D 85 -13.02 -21.08 3.46
CA ILE D 85 -13.38 -22.48 3.55
C ILE D 85 -14.13 -22.75 4.85
N GLY D 86 -15.24 -23.46 4.77
CA GLY D 86 -16.03 -23.75 5.95
C GLY D 86 -15.33 -24.79 6.80
N LYS D 87 -15.66 -24.88 8.08
CA LYS D 87 -15.02 -25.88 8.91
C LYS D 87 -15.43 -27.26 8.38
N HIS D 88 -14.46 -28.15 8.26
CA HIS D 88 -14.68 -29.48 7.74
C HIS D 88 -13.84 -30.43 8.55
N LYS D 89 -14.27 -31.68 8.67
CA LYS D 89 -13.51 -32.64 9.46
C LYS D 89 -12.12 -32.87 8.92
N ASN D 90 -11.97 -33.00 7.61
CA ASN D 90 -10.64 -33.24 7.06
C ASN D 90 -9.67 -32.09 6.92
N ILE D 91 -10.07 -30.98 6.32
CA ILE D 91 -9.15 -29.88 6.15
C ILE D 91 -8.77 -29.31 7.49
N ILE D 92 -7.53 -28.92 7.66
CA ILE D 92 -7.09 -28.35 8.93
C ILE D 92 -7.81 -27.02 9.12
N ASN D 93 -8.40 -26.81 10.30
CA ASN D 93 -9.12 -25.57 10.57
C ASN D 93 -8.23 -24.45 11.05
N LEU D 94 -8.71 -23.22 10.93
CA LEU D 94 -8.00 -22.07 11.44
C LEU D 94 -8.86 -21.64 12.59
N LEU D 95 -8.32 -21.64 13.79
CA LEU D 95 -9.13 -21.27 14.94
C LEU D 95 -9.11 -19.78 15.24
N GLY D 96 -7.93 -19.19 15.19
CA GLY D 96 -7.82 -17.77 15.47
C GLY D 96 -6.63 -17.18 14.76
N ALA D 97 -6.68 -15.93 14.35
CA ALA D 97 -5.56 -15.31 13.65
C ALA D 97 -5.16 -14.02 14.32
N CYS D 98 -3.87 -13.82 14.53
CA CYS D 98 -3.42 -12.63 15.22
C CYS D 98 -2.71 -11.62 14.35
N THR D 99 -3.20 -10.40 14.34
CA THR D 99 -2.56 -9.32 13.61
C THR D 99 -2.51 -8.13 14.54
N GLN D 100 -1.73 -8.31 15.60
CA GLN D 100 -1.55 -7.32 16.66
C GLN D 100 -0.42 -6.33 16.37
N ASP D 101 0.06 -5.68 17.42
CA ASP D 101 1.15 -4.72 17.35
C ASP D 101 2.43 -5.39 16.85
N GLY D 102 2.66 -6.61 17.29
CA GLY D 102 3.82 -7.38 16.90
C GLY D 102 3.64 -8.09 15.56
N PRO D 103 4.60 -8.94 15.21
CA PRO D 103 4.62 -9.66 13.95
C PRO D 103 3.42 -10.56 13.83
N LEU D 104 2.93 -10.71 12.61
CA LEU D 104 1.76 -11.51 12.34
C LEU D 104 1.96 -12.96 12.76
N TYR D 105 0.98 -13.51 13.49
CA TYR D 105 1.01 -14.89 13.94
C TYR D 105 -0.28 -15.55 13.50
N VAL D 106 -0.21 -16.77 12.98
CA VAL D 106 -1.43 -17.44 12.60
C VAL D 106 -1.54 -18.65 13.47
N ILE D 107 -2.75 -18.91 13.94
CA ILE D 107 -3.07 -20.00 14.80
C ILE D 107 -3.81 -21.05 14.02
N VAL D 108 -3.37 -22.29 14.09
CA VAL D 108 -4.02 -23.39 13.40
C VAL D 108 -4.28 -24.52 14.37
N GLU D 109 -4.97 -25.56 13.91
CA GLU D 109 -5.23 -26.71 14.75
C GLU D 109 -3.95 -27.51 14.86
N TYR D 110 -3.80 -28.25 15.94
CA TYR D 110 -2.60 -29.04 16.12
C TYR D 110 -2.84 -30.51 15.76
N ALA D 111 -1.98 -31.07 14.93
CA ALA D 111 -2.12 -32.47 14.53
C ALA D 111 -0.96 -33.24 15.10
N SER D 112 -1.24 -33.97 16.16
CA SER D 112 -0.24 -34.70 16.90
C SER D 112 0.76 -35.59 16.17
N LYS D 113 0.35 -36.23 15.10
CA LYS D 113 1.26 -37.13 14.39
C LYS D 113 2.09 -36.60 13.21
N GLY D 114 1.93 -35.36 12.83
CA GLY D 114 2.72 -34.87 11.72
C GLY D 114 2.11 -35.16 10.38
N ASN D 115 2.81 -34.84 9.31
CA ASN D 115 2.24 -35.06 8.00
C ASN D 115 2.11 -36.51 7.59
N LEU D 116 1.32 -36.74 6.56
CA LEU D 116 1.05 -38.06 6.06
C LEU D 116 2.29 -38.78 5.54
N ARG D 117 3.15 -38.09 4.80
CA ARG D 117 4.32 -38.76 4.26
C ARG D 117 5.22 -39.25 5.37
N GLU D 118 5.39 -38.44 6.40
CA GLU D 118 6.26 -38.83 7.50
C GLU D 118 5.57 -39.82 8.42
N TYR D 119 4.25 -39.82 8.45
CA TYR D 119 3.59 -40.81 9.27
C TYR D 119 3.73 -42.19 8.68
N LEU D 120 3.57 -42.33 7.37
CA LEU D 120 3.73 -43.67 6.79
C LEU D 120 5.18 -44.13 6.83
N ARG D 121 6.11 -43.21 6.60
CA ARG D 121 7.52 -43.57 6.59
C ARG D 121 7.94 -44.17 7.91
N ALA D 122 7.29 -43.78 9.01
CA ALA D 122 7.60 -44.32 10.32
C ALA D 122 6.80 -45.59 10.67
N ARG D 123 6.10 -46.18 9.69
CA ARG D 123 5.38 -47.45 9.80
C ARG D 123 5.63 -48.43 8.64
N ARG D 124 6.78 -48.35 8.02
CA ARG D 124 7.09 -49.27 6.97
C ARG D 124 7.22 -50.71 7.51
N GLU D 140 0.83 -50.87 15.74
CA GLU D 140 2.17 -50.47 15.35
C GLU D 140 2.46 -50.83 13.90
N GLN D 141 1.43 -51.24 13.18
CA GLN D 141 1.55 -51.60 11.77
C GLN D 141 0.38 -51.00 11.01
N MET D 142 0.53 -50.79 9.71
CA MET D 142 -0.54 -50.20 8.93
C MET D 142 -1.26 -51.26 8.11
N THR D 143 -2.46 -51.60 8.54
CA THR D 143 -3.28 -52.58 7.84
C THR D 143 -3.81 -51.94 6.59
N PHE D 144 -4.14 -52.73 5.58
CA PHE D 144 -4.62 -52.19 4.32
C PHE D 144 -5.88 -51.39 4.44
N LYS D 145 -6.79 -51.77 5.33
CA LYS D 145 -8.03 -51.04 5.50
C LYS D 145 -7.75 -49.60 5.91
N ASP D 146 -6.79 -49.38 6.81
CA ASP D 146 -6.42 -48.05 7.23
C ASP D 146 -5.91 -47.23 6.05
N LEU D 147 -5.15 -47.84 5.16
CA LEU D 147 -4.67 -47.09 4.02
C LEU D 147 -5.85 -46.61 3.20
N VAL D 148 -6.85 -47.45 2.96
CA VAL D 148 -8.01 -46.97 2.21
C VAL D 148 -8.72 -45.87 2.96
N SER D 149 -8.83 -46.03 4.28
CA SER D 149 -9.47 -45.02 5.10
C SER D 149 -8.71 -43.73 5.00
N CYS D 150 -7.38 -43.78 5.01
CA CYS D 150 -6.60 -42.57 4.88
C CYS D 150 -6.85 -41.92 3.53
N THR D 151 -6.94 -42.74 2.48
CA THR D 151 -7.26 -42.25 1.16
C THR D 151 -8.67 -41.69 1.07
N TYR D 152 -9.61 -42.33 1.74
CA TYR D 152 -10.99 -41.88 1.68
C TYR D 152 -11.17 -40.49 2.23
N GLN D 153 -10.52 -40.21 3.35
CA GLN D 153 -10.68 -38.92 3.96
C GLN D 153 -10.21 -37.78 3.09
N LEU D 154 -9.12 -37.98 2.37
CA LEU D 154 -8.63 -36.93 1.49
C LEU D 154 -9.63 -36.59 0.40
N ALA D 155 -10.27 -37.59 -0.17
CA ALA D 155 -11.23 -37.34 -1.22
C ALA D 155 -12.36 -36.50 -0.68
N ARG D 156 -12.80 -36.82 0.54
CA ARG D 156 -13.90 -36.10 1.14
C ARG D 156 -13.50 -34.65 1.34
N GLY D 157 -12.27 -34.42 1.75
CA GLY D 157 -11.83 -33.06 2.01
C GLY D 157 -11.84 -32.26 0.73
N MET D 158 -11.32 -32.86 -0.33
CA MET D 158 -11.30 -32.19 -1.61
C MET D 158 -12.72 -31.93 -2.05
N GLU D 159 -13.62 -32.85 -1.73
CA GLU D 159 -15.01 -32.66 -2.12
C GLU D 159 -15.58 -31.41 -1.49
N TYR D 160 -15.28 -31.16 -0.22
CA TYR D 160 -15.76 -29.95 0.44
C TYR D 160 -15.14 -28.73 -0.22
N LEU D 161 -13.86 -28.81 -0.57
CA LEU D 161 -13.20 -27.69 -1.23
C LEU D 161 -13.82 -27.44 -2.60
N ALA D 162 -14.18 -28.50 -3.31
CA ALA D 162 -14.79 -28.34 -4.62
C ALA D 162 -16.10 -27.59 -4.51
N SER D 163 -16.89 -27.89 -3.48
CA SER D 163 -18.15 -27.20 -3.26
C SER D 163 -17.90 -25.71 -2.99
N GLN D 164 -16.83 -25.41 -2.24
CA GLN D 164 -16.42 -24.03 -1.93
C GLN D 164 -15.51 -23.43 -3.02
N LYS D 165 -15.30 -24.20 -4.07
CA LYS D 165 -14.50 -23.73 -5.18
C LYS D 165 -13.11 -23.28 -4.80
N CYS D 166 -12.42 -24.05 -3.98
CA CYS D 166 -11.06 -23.72 -3.61
C CYS D 166 -10.18 -24.80 -4.19
N ILE D 167 -9.07 -24.40 -4.81
CA ILE D 167 -8.15 -25.35 -5.38
C ILE D 167 -6.87 -25.35 -4.57
N HIS D 168 -6.48 -26.50 -4.05
CA HIS D 168 -5.28 -26.58 -3.22
C HIS D 168 -3.93 -26.34 -3.85
N ARG D 169 -3.69 -26.95 -5.02
CA ARG D 169 -2.47 -26.75 -5.78
C ARG D 169 -1.25 -27.52 -5.30
N ASP D 170 -1.41 -28.31 -4.24
CA ASP D 170 -0.32 -29.11 -3.73
C ASP D 170 -0.80 -30.52 -3.68
N LEU D 171 -1.54 -30.83 -2.64
CA LEU D 171 -2.09 -32.16 -2.42
C LEU D 171 -0.97 -33.18 -2.50
N ALA D 172 0.02 -33.00 -1.65
CA ALA D 172 1.14 -33.89 -1.52
C ALA D 172 1.03 -34.51 -0.14
N ALA D 173 1.54 -35.72 0.04
CA ALA D 173 1.48 -36.36 1.35
C ALA D 173 2.29 -35.63 2.39
N ARG D 174 3.41 -35.05 1.99
CA ARG D 174 4.27 -34.34 2.91
C ARG D 174 3.67 -33.11 3.60
N ASN D 175 2.65 -32.49 3.04
CA ASN D 175 2.04 -31.38 3.77
C ASN D 175 0.61 -31.64 4.23
N VAL D 176 0.23 -32.90 4.34
CA VAL D 176 -1.10 -33.30 4.80
C VAL D 176 -0.98 -33.84 6.21
N LEU D 177 -1.40 -33.05 7.19
CA LEU D 177 -1.27 -33.40 8.58
C LEU D 177 -2.24 -34.48 9.00
N VAL D 178 -1.72 -35.52 9.62
CA VAL D 178 -2.56 -36.60 10.10
C VAL D 178 -2.59 -36.32 11.57
N THR D 179 -3.80 -36.14 12.08
CA THR D 179 -4.01 -35.80 13.48
C THR D 179 -3.93 -36.94 14.42
N GLU D 180 -3.91 -36.58 15.70
CA GLU D 180 -3.88 -37.54 16.78
C GLU D 180 -5.17 -38.32 16.61
N ASN D 181 -5.11 -39.62 16.91
CA ASN D 181 -6.19 -40.61 16.78
C ASN D 181 -6.53 -40.93 15.32
N ASN D 182 -5.54 -40.71 14.46
CA ASN D 182 -5.58 -41.00 13.03
C ASN D 182 -6.63 -40.39 12.11
N VAL D 183 -6.97 -39.12 12.29
CA VAL D 183 -7.92 -38.53 11.36
C VAL D 183 -7.11 -37.61 10.48
N MET D 184 -7.09 -37.88 9.19
CA MET D 184 -6.30 -37.10 8.24
C MET D 184 -6.73 -35.67 8.03
N LYS D 185 -5.76 -34.79 7.90
CA LYS D 185 -5.97 -33.39 7.68
C LYS D 185 -5.20 -32.69 6.60
N ILE D 186 -5.94 -32.09 5.68
CA ILE D 186 -5.18 -31.44 4.63
C ILE D 186 -4.49 -30.17 5.15
N ALA D 187 -3.40 -29.74 4.51
CA ALA D 187 -2.71 -28.57 5.02
C ALA D 187 -2.08 -27.69 3.96
N ASP D 188 -1.27 -26.75 4.40
CA ASP D 188 -0.60 -25.88 3.49
C ASP D 188 -1.51 -25.21 2.52
N PHE D 189 -2.40 -24.39 3.04
CA PHE D 189 -3.34 -23.63 2.24
C PHE D 189 -2.77 -22.32 1.72
N GLY D 190 -1.50 -22.03 2.00
CA GLY D 190 -0.88 -20.81 1.57
C GLY D 190 -0.87 -20.63 0.06
N LEU D 191 -0.68 -21.71 -0.66
CA LEU D 191 -0.69 -21.68 -2.11
C LEU D 191 -2.07 -21.63 -2.75
N ALA D 192 -3.11 -21.84 -1.97
CA ALA D 192 -4.46 -21.88 -2.47
C ALA D 192 -4.95 -20.61 -3.09
N ARG D 193 -5.86 -20.76 -4.06
CA ARG D 193 -6.46 -19.65 -4.75
C ARG D 193 -7.95 -19.95 -4.87
N ASP D 194 -8.80 -18.93 -4.95
CA ASP D 194 -10.22 -19.16 -5.05
C ASP D 194 -10.64 -19.15 -6.50
N ILE D 195 -11.08 -20.28 -6.99
CA ILE D 195 -11.49 -20.44 -8.38
C ILE D 195 -12.74 -19.73 -8.88
N ASN D 196 -13.78 -19.69 -8.04
CA ASN D 196 -15.12 -19.13 -8.31
C ASN D 196 -15.32 -18.21 -9.52
N TYR D 201 -6.59 -19.32 -15.12
CA TYR D 201 -5.67 -19.54 -16.23
C TYR D 201 -4.39 -18.73 -16.25
N LYS D 202 -4.46 -17.43 -16.01
CA LYS D 202 -3.24 -16.67 -16.18
C LYS D 202 -2.84 -15.69 -15.10
N LYS D 203 -2.49 -16.18 -13.93
CA LYS D 203 -2.00 -15.29 -12.89
C LYS D 203 -0.55 -15.63 -12.58
N THR D 204 -0.15 -16.86 -12.94
CA THR D 204 1.19 -17.34 -12.73
C THR D 204 1.42 -18.52 -13.65
N THR D 205 2.69 -18.89 -13.86
CA THR D 205 3.04 -19.94 -14.80
C THR D 205 3.03 -21.30 -14.15
N ASN D 206 2.44 -21.35 -12.95
CA ASN D 206 2.35 -22.55 -12.13
C ASN D 206 3.72 -23.08 -11.73
N GLY D 207 4.60 -22.13 -11.44
CA GLY D 207 5.95 -22.35 -10.94
C GLY D 207 5.87 -22.36 -9.41
N ARG D 208 7.00 -22.53 -8.74
CA ARG D 208 7.02 -22.56 -7.27
C ARG D 208 6.10 -23.60 -6.66
N LEU D 209 6.08 -24.78 -7.28
CA LEU D 209 5.29 -25.92 -6.88
C LEU D 209 6.13 -27.15 -7.17
N PRO D 210 5.94 -28.24 -6.42
CA PRO D 210 6.78 -29.39 -6.72
C PRO D 210 6.37 -29.96 -8.06
N VAL D 211 7.31 -30.16 -8.98
CA VAL D 211 6.96 -30.71 -10.27
C VAL D 211 6.46 -32.14 -10.21
N LYS D 212 7.12 -32.95 -9.41
CA LYS D 212 6.73 -34.37 -9.36
C LYS D 212 5.26 -34.60 -9.03
N TRP D 213 4.71 -33.76 -8.18
CA TRP D 213 3.31 -33.81 -7.79
C TRP D 213 2.46 -32.92 -8.69
N MET D 214 3.03 -32.37 -9.76
CA MET D 214 2.28 -31.46 -10.61
C MET D 214 1.78 -31.99 -11.93
N ALA D 215 0.56 -31.58 -12.25
CA ALA D 215 -0.16 -31.94 -13.46
C ALA D 215 0.49 -31.39 -14.71
N PRO D 216 0.45 -32.16 -15.80
CA PRO D 216 1.05 -31.74 -17.07
C PRO D 216 0.42 -30.49 -17.61
N GLU D 217 -0.90 -30.37 -17.50
CA GLU D 217 -1.55 -29.18 -18.02
C GLU D 217 -1.06 -27.91 -17.34
N ALA D 218 -0.92 -27.95 -16.02
CA ALA D 218 -0.40 -26.81 -15.27
C ALA D 218 1.08 -26.55 -15.54
N LEU D 219 1.86 -27.64 -15.62
CA LEU D 219 3.30 -27.56 -15.88
C LEU D 219 3.67 -26.86 -17.18
N PHE D 220 2.96 -27.19 -18.25
CA PHE D 220 3.25 -26.62 -19.55
C PHE D 220 2.51 -25.35 -19.93
N ASP D 221 1.21 -25.32 -19.71
CA ASP D 221 0.39 -24.17 -20.09
C ASP D 221 0.10 -23.18 -18.97
N ARG D 222 0.60 -23.47 -17.78
CA ARG D 222 0.43 -22.59 -16.62
C ARG D 222 -1.00 -22.19 -16.25
N VAL D 223 -1.93 -23.13 -16.27
CA VAL D 223 -3.31 -22.87 -15.85
C VAL D 223 -3.68 -23.95 -14.86
N TYR D 224 -4.55 -23.66 -13.92
CA TYR D 224 -4.91 -24.70 -12.96
C TYR D 224 -6.40 -24.84 -12.85
N THR D 225 -6.84 -26.03 -12.48
CA THR D 225 -8.23 -26.38 -12.35
C THR D 225 -8.38 -27.50 -11.38
N HIS D 226 -9.62 -27.85 -11.10
CA HIS D 226 -9.87 -28.90 -10.13
C HIS D 226 -9.22 -30.18 -10.56
N GLN D 227 -9.19 -30.45 -11.85
CA GLN D 227 -8.60 -31.69 -12.33
C GLN D 227 -7.15 -31.75 -11.93
N SER D 228 -6.42 -30.67 -12.07
CA SER D 228 -5.03 -30.70 -11.69
C SER D 228 -4.85 -31.17 -10.25
N ASP D 229 -5.72 -30.79 -9.31
CA ASP D 229 -5.61 -31.30 -7.97
C ASP D 229 -5.81 -32.80 -7.97
N VAL D 230 -6.76 -33.26 -8.76
CA VAL D 230 -7.01 -34.68 -8.85
C VAL D 230 -5.80 -35.41 -9.39
N TRP D 231 -5.08 -34.82 -10.35
CA TRP D 231 -3.86 -35.45 -10.83
C TRP D 231 -2.86 -35.50 -9.69
N SER D 232 -2.76 -34.40 -8.93
CA SER D 232 -1.88 -34.33 -7.76
C SER D 232 -2.36 -35.31 -6.73
N PHE D 233 -3.67 -35.42 -6.58
CA PHE D 233 -4.28 -36.39 -5.70
C PHE D 233 -3.91 -37.79 -6.16
N GLY D 234 -3.86 -38.04 -7.48
CA GLY D 234 -3.43 -39.33 -7.99
C GLY D 234 -2.00 -39.55 -7.55
N VAL D 235 -1.13 -38.55 -7.61
CA VAL D 235 0.21 -38.72 -7.07
C VAL D 235 0.14 -38.94 -5.57
N LEU D 236 -0.76 -38.25 -4.87
CA LEU D 236 -0.90 -38.42 -3.42
C LEU D 236 -1.22 -39.84 -3.07
N MET D 237 -2.05 -40.52 -3.84
CA MET D 237 -2.38 -41.94 -3.58
C MET D 237 -1.11 -42.79 -3.64
N TRP D 238 -0.18 -42.50 -4.56
CA TRP D 238 1.04 -43.30 -4.58
C TRP D 238 1.80 -43.05 -3.30
N GLU D 239 1.82 -41.81 -2.80
CA GLU D 239 2.51 -41.57 -1.55
C GLU D 239 1.90 -42.41 -0.45
N ILE D 240 0.58 -42.46 -0.39
CA ILE D 240 -0.09 -43.26 0.60
C ILE D 240 0.17 -44.75 0.42
N PHE D 241 0.13 -45.22 -0.81
CA PHE D 241 0.28 -46.66 -1.06
C PHE D 241 1.69 -47.17 -1.21
N THR D 242 2.65 -46.27 -1.15
CA THR D 242 4.03 -46.69 -1.17
C THR D 242 4.63 -46.51 0.21
N LEU D 243 3.76 -46.36 1.23
CA LEU D 243 4.19 -46.14 2.59
C LEU D 243 5.13 -44.95 2.66
N GLY D 244 4.69 -43.83 2.10
CA GLY D 244 5.46 -42.60 2.09
C GLY D 244 6.53 -42.52 1.03
N GLY D 245 6.57 -43.50 0.14
CA GLY D 245 7.59 -43.53 -0.89
C GLY D 245 7.55 -42.39 -1.87
N SER D 246 8.71 -41.94 -2.30
CA SER D 246 8.80 -40.87 -3.27
C SER D 246 8.34 -41.35 -4.62
N PRO D 247 7.57 -40.52 -5.33
CA PRO D 247 7.01 -40.79 -6.65
C PRO D 247 8.04 -40.65 -7.77
N TYR D 248 7.75 -41.24 -8.92
CA TYR D 248 8.62 -41.16 -10.09
C TYR D 248 10.05 -41.53 -9.77
N PRO D 249 10.21 -42.71 -9.17
CA PRO D 249 11.50 -43.19 -8.74
C PRO D 249 12.42 -43.33 -9.91
N GLY D 250 13.68 -42.95 -9.74
CA GLY D 250 14.67 -43.08 -10.78
C GLY D 250 14.53 -42.15 -11.95
N ILE D 251 13.78 -41.08 -11.78
CA ILE D 251 13.63 -40.14 -12.86
C ILE D 251 13.90 -38.71 -12.43
N PRO D 252 14.84 -38.06 -13.09
CA PRO D 252 15.17 -36.68 -12.77
C PRO D 252 14.08 -35.80 -13.25
N VAL D 253 13.89 -34.67 -12.58
CA VAL D 253 12.83 -33.78 -12.95
C VAL D 253 13.02 -33.25 -14.37
N GLU D 254 14.24 -32.94 -14.77
CA GLU D 254 14.46 -32.43 -16.12
C GLU D 254 14.04 -33.44 -17.16
N GLU D 255 14.37 -34.70 -16.92
CA GLU D 255 14.01 -35.82 -17.77
C GLU D 255 12.51 -36.03 -17.79
N LEU D 256 11.86 -35.78 -16.66
CA LEU D 256 10.42 -35.99 -16.47
C LEU D 256 9.48 -35.23 -17.38
N PHE D 257 9.91 -34.11 -17.95
CA PHE D 257 9.03 -33.39 -18.85
C PHE D 257 8.66 -34.30 -20.03
N LYS D 258 9.64 -34.99 -20.59
CA LYS D 258 9.43 -35.84 -21.75
C LYS D 258 8.51 -37.03 -21.59
N LEU D 259 8.64 -37.76 -20.48
CA LEU D 259 7.82 -38.94 -20.32
C LEU D 259 6.34 -38.67 -20.29
N LEU D 260 5.94 -37.59 -19.63
CA LEU D 260 4.54 -37.30 -19.54
C LEU D 260 3.88 -37.08 -20.89
N LYS D 261 4.56 -36.44 -21.82
CA LYS D 261 4.01 -36.24 -23.15
C LYS D 261 3.80 -37.57 -23.86
N GLU D 262 4.74 -38.49 -23.68
CA GLU D 262 4.66 -39.79 -24.30
C GLU D 262 3.86 -40.79 -23.48
N GLY D 263 3.49 -40.41 -22.26
CA GLY D 263 2.71 -41.31 -21.45
C GLY D 263 3.29 -42.21 -20.37
N HIS D 264 4.51 -41.99 -19.91
CA HIS D 264 5.04 -42.85 -18.86
C HIS D 264 4.38 -42.62 -17.53
N ARG D 265 3.51 -43.52 -17.12
CA ARG D 265 2.83 -43.41 -15.84
C ARG D 265 3.38 -44.47 -14.91
N MET D 266 3.61 -44.09 -13.66
CA MET D 266 4.22 -45.00 -12.68
C MET D 266 3.43 -46.28 -12.41
N ASP D 267 4.15 -47.38 -12.24
CA ASP D 267 3.55 -48.67 -12.01
C ASP D 267 2.92 -48.76 -10.64
N LYS D 268 1.93 -49.63 -10.53
CA LYS D 268 1.16 -49.85 -9.31
C LYS D 268 1.97 -50.32 -8.12
N PRO D 269 1.74 -49.71 -6.96
CA PRO D 269 2.40 -49.97 -5.68
C PRO D 269 1.94 -51.32 -5.19
N ALA D 270 2.76 -52.03 -4.43
CA ALA D 270 2.34 -53.36 -4.07
C ALA D 270 1.10 -53.53 -3.24
N ASN D 271 0.97 -52.78 -2.16
CA ASN D 271 -0.18 -52.95 -1.29
C ASN D 271 -1.55 -52.62 -1.84
N CYS D 272 -1.63 -51.55 -2.61
CA CYS D 272 -2.91 -51.14 -3.14
C CYS D 272 -3.46 -52.22 -4.02
N THR D 273 -4.75 -52.46 -3.93
CA THR D 273 -5.37 -53.49 -4.73
C THR D 273 -5.48 -53.06 -6.18
N ASN D 274 -5.60 -54.02 -7.08
CA ASN D 274 -5.63 -53.70 -8.49
C ASN D 274 -6.75 -52.76 -8.90
N GLU D 275 -7.93 -52.89 -8.28
CA GLU D 275 -9.07 -52.03 -8.63
C GLU D 275 -8.74 -50.56 -8.42
N LEU D 276 -8.01 -50.26 -7.36
CA LEU D 276 -7.63 -48.88 -7.10
C LEU D 276 -6.75 -48.33 -8.22
N TYR D 277 -5.84 -49.16 -8.69
CA TYR D 277 -4.91 -48.75 -9.73
C TYR D 277 -5.61 -48.22 -10.97
N MET D 278 -6.65 -48.89 -11.42
CA MET D 278 -7.36 -48.42 -12.59
C MET D 278 -7.93 -47.04 -12.28
N MET D 279 -8.38 -46.87 -11.04
CA MET D 279 -8.90 -45.58 -10.67
C MET D 279 -7.75 -44.62 -10.51
N MET D 280 -6.68 -45.06 -9.86
CA MET D 280 -5.56 -44.20 -9.63
C MET D 280 -4.96 -43.79 -10.94
N ARG D 281 -4.70 -44.73 -11.83
CA ARG D 281 -4.15 -44.37 -13.12
C ARG D 281 -5.07 -43.46 -13.89
N ASP D 282 -6.37 -43.72 -13.84
CA ASP D 282 -7.32 -42.86 -14.52
C ASP D 282 -7.17 -41.40 -14.08
N CYS D 283 -6.82 -41.14 -12.82
CA CYS D 283 -6.62 -39.77 -12.37
C CYS D 283 -5.51 -39.12 -13.19
N TRP D 284 -4.43 -39.85 -13.49
CA TRP D 284 -3.35 -39.32 -14.31
C TRP D 284 -3.75 -39.37 -15.77
N HIS D 285 -4.23 -38.28 -16.33
CA HIS D 285 -4.69 -38.31 -17.71
C HIS D 285 -4.07 -37.24 -18.57
N ALA D 286 -3.94 -37.54 -19.84
CA ALA D 286 -3.34 -36.59 -20.75
C ALA D 286 -4.14 -35.33 -20.85
N VAL D 287 -5.44 -35.49 -20.92
CA VAL D 287 -6.35 -34.38 -21.07
C VAL D 287 -7.10 -34.18 -19.79
N PRO D 288 -7.23 -32.94 -19.37
CA PRO D 288 -7.87 -32.64 -18.10
C PRO D 288 -9.29 -33.12 -18.05
N SER D 289 -10.05 -33.03 -19.13
CA SER D 289 -11.45 -33.43 -19.10
C SER D 289 -11.66 -34.88 -18.72
N GLN D 290 -10.80 -35.77 -19.17
CA GLN D 290 -10.94 -37.18 -18.82
C GLN D 290 -10.82 -37.46 -17.33
N ARG D 291 -9.94 -36.77 -16.62
CA ARG D 291 -9.70 -37.03 -15.20
C ARG D 291 -10.95 -36.92 -14.36
N PRO D 292 -11.18 -37.89 -13.46
CA PRO D 292 -12.33 -37.95 -12.57
C PRO D 292 -12.39 -36.82 -11.56
N THR D 293 -13.59 -36.29 -11.36
CA THR D 293 -13.82 -35.24 -10.40
C THR D 293 -13.91 -35.84 -9.03
N PHE D 294 -13.77 -35.00 -8.01
CA PHE D 294 -13.74 -35.49 -6.66
C PHE D 294 -14.98 -36.22 -6.22
N LYS D 295 -16.12 -35.75 -6.68
CA LYS D 295 -17.39 -36.36 -6.33
C LYS D 295 -17.32 -37.81 -6.76
N GLN D 296 -16.81 -38.03 -7.95
CA GLN D 296 -16.69 -39.38 -8.45
C GLN D 296 -15.74 -40.20 -7.61
N LEU D 297 -14.60 -39.62 -7.22
CA LEU D 297 -13.63 -40.35 -6.42
C LEU D 297 -14.09 -40.76 -5.03
N VAL D 298 -14.77 -39.86 -4.34
CA VAL D 298 -15.24 -40.19 -3.01
C VAL D 298 -16.24 -41.30 -3.07
N GLU D 299 -17.14 -41.21 -4.03
CA GLU D 299 -18.17 -42.22 -4.19
C GLU D 299 -17.54 -43.55 -4.55
N ASP D 300 -16.52 -43.53 -5.40
CA ASP D 300 -15.82 -44.75 -5.79
C ASP D 300 -15.15 -45.32 -4.55
N LEU D 301 -14.51 -44.44 -3.79
CA LEU D 301 -13.79 -44.79 -2.55
C LEU D 301 -14.66 -45.23 -1.39
N ASP D 302 -15.86 -44.70 -1.30
CA ASP D 302 -16.75 -45.05 -0.20
C ASP D 302 -17.05 -46.54 -0.21
N ARG D 303 -17.29 -47.12 -1.38
CA ARG D 303 -17.58 -48.54 -1.47
C ARG D 303 -16.43 -49.42 -1.05
N ILE D 304 -15.23 -49.04 -1.42
CA ILE D 304 -14.07 -49.87 -1.11
C ILE D 304 -13.91 -50.12 0.36
N LEU D 305 -14.11 -49.09 1.15
CA LEU D 305 -13.96 -49.24 2.57
C LEU D 305 -14.97 -50.24 3.06
N THR D 306 -16.17 -50.19 2.52
CA THR D 306 -17.25 -51.05 2.93
C THR D 306 -17.03 -52.54 2.73
N LEU D 307 -16.40 -52.91 1.65
CA LEU D 307 -16.17 -54.32 1.35
C LEU D 307 -14.82 -54.91 1.78
N THR D 308 -13.99 -54.10 2.45
CA THR D 308 -12.66 -54.51 2.91
C THR D 308 -12.60 -55.16 4.30
#